data_8G2P
#
_entry.id   8G2P
#
_cell.length_a   78.219
_cell.length_b   99.102
_cell.length_c   141.944
_cell.angle_alpha   90.000
_cell.angle_beta   90.000
_cell.angle_gamma   90.000
#
_symmetry.space_group_name_H-M   'P 21 21 21'
#
loop_
_entity.id
_entity.type
_entity.pdbx_description
1 polymer 'Cyclic GMP-AMP synthase'
2 polymer 'Palindromic DNA18'
3 non-polymer "ADENOSINE-5'-TRIPHOSPHATE"
4 non-polymer "GUANOSINE-5'-TRIPHOSPHATE"
5 non-polymer 'MAGNESIUM ION'
6 non-polymer 'ZINC ION'
7 water water
#
loop_
_entity_poly.entity_id
_entity_poly.type
_entity_poly.pdbx_seq_one_letter_code
_entity_poly.pdbx_strand_id
1 'polypeptide(L)'
;GTGPDKLKKVLDKLRLKRKDISEAAETVNKVVERLLRRMQKRESEFKGVEQLNTGSYYEHVKISAPNEFDVMFKLEVPRI
ELQEYYETGAFYLVKFKRIPRGNPLSHFLEGEVLSATKMLSKFRKIIKEEVKEIKDIDVSVEKEKPGSPAVTLLIRNPEE
ISVNIILALESKGSWPISTKEGLPIQGWLGTKVRTNLRREPFYLVPKNAKDGNSFQGETWRLSFSHTEKYILNNHGIEKT
CCESSGAKCCRKECLKLMKYLLEQLKKEFQELDAFCSYHVKTAIFHMWTQDPQDSQWDPRNLSSCFDKLLAFFLECLRTE
KLDHYFIPKFNLFSQELIDRKSKEFLSKKIEYERNNGFPIFDKL
;
A,C
2 'polydeoxyribonucleotide' (DA)(DT)(DC)(DT)(DG)(DT)(DA)(DC)(DA)(DT)(DG)(DT)(DA)(DC)(DA)(DG)(DA)(DT) E,F,I,J
#
# COMPACT_ATOMS: atom_id res chain seq x y z
N ASP A 5 -17.20 -23.93 -20.56
CA ASP A 5 -18.32 -23.60 -19.63
C ASP A 5 -19.39 -22.79 -20.36
N LYS A 6 -20.63 -23.07 -20.02
CA LYS A 6 -21.71 -22.17 -20.37
C LYS A 6 -21.44 -20.81 -19.72
N LEU A 7 -20.74 -20.77 -18.59
CA LEU A 7 -20.57 -19.53 -17.88
C LEU A 7 -19.51 -18.65 -18.56
N LYS A 8 -18.53 -19.27 -19.22
CA LYS A 8 -17.55 -18.50 -19.97
C LYS A 8 -18.23 -17.73 -21.10
N LYS A 9 -19.21 -18.37 -21.76
CA LYS A 9 -19.91 -17.73 -22.85
C LYS A 9 -20.80 -16.59 -22.35
N VAL A 10 -21.33 -16.72 -21.13
CA VAL A 10 -22.13 -15.66 -20.55
C VAL A 10 -21.22 -14.45 -20.29
N LEU A 11 -20.03 -14.69 -19.71
CA LEU A 11 -19.09 -13.62 -19.45
C LEU A 11 -18.64 -12.96 -20.75
N ASP A 12 -18.54 -13.73 -21.83
CA ASP A 12 -18.24 -13.18 -23.14
C ASP A 12 -19.32 -12.19 -23.57
N LYS A 13 -20.60 -12.53 -23.34
CA LYS A 13 -21.67 -11.60 -23.64
C LYS A 13 -21.56 -10.37 -22.75
N LEU A 14 -21.26 -10.55 -21.46
CA LEU A 14 -21.23 -9.44 -20.51
C LEU A 14 -20.02 -8.53 -20.71
N ARG A 15 -18.97 -9.01 -21.39
CA ARG A 15 -17.77 -8.23 -21.60
C ARG A 15 -18.07 -6.97 -22.40
N LEU A 16 -17.61 -5.84 -21.85
CA LEU A 16 -17.70 -4.54 -22.49
C LEU A 16 -16.77 -4.48 -23.69
N LYS A 17 -17.22 -3.78 -24.72
CA LYS A 17 -16.45 -3.54 -25.92
C LYS A 17 -15.65 -2.26 -25.75
N ARG A 18 -14.37 -2.30 -26.16
CA ARG A 18 -13.47 -1.16 -26.10
C ARG A 18 -14.06 0.01 -26.88
N LYS A 19 -14.60 -0.21 -28.06
CA LYS A 19 -15.20 0.85 -28.85
C LYS A 19 -16.27 1.57 -28.02
N ASP A 20 -17.17 0.82 -27.36
CA ASP A 20 -18.26 1.40 -26.59
C ASP A 20 -17.71 2.15 -25.36
N ILE A 21 -16.64 1.63 -24.76
CA ILE A 21 -16.00 2.22 -23.61
C ILE A 21 -15.48 3.62 -23.98
N SER A 22 -14.77 3.71 -25.11
CA SER A 22 -14.22 4.96 -25.61
C SER A 22 -15.31 6.02 -25.74
N GLU A 23 -16.33 5.71 -26.54
CA GLU A 23 -17.39 6.65 -26.88
C GLU A 23 -18.11 7.12 -25.62
N ALA A 24 -18.44 6.19 -24.71
CA ALA A 24 -19.15 6.56 -23.50
C ALA A 24 -18.27 7.42 -22.60
N ALA A 25 -16.99 7.06 -22.46
CA ALA A 25 -16.07 7.75 -21.55
C ALA A 25 -15.72 9.16 -22.05
N GLU A 26 -15.63 9.36 -23.37
CA GLU A 26 -15.27 10.64 -23.94
C GLU A 26 -16.35 11.64 -23.50
N THR A 27 -17.61 11.23 -23.68
CA THR A 27 -18.75 12.06 -23.37
C THR A 27 -18.89 12.21 -21.85
N VAL A 28 -18.78 11.13 -21.10
CA VAL A 28 -18.98 11.20 -19.67
C VAL A 28 -17.94 12.13 -19.07
N ASN A 29 -16.70 12.06 -19.58
CA ASN A 29 -15.63 12.83 -18.96
C ASN A 29 -15.84 14.31 -19.25
N LYS A 30 -16.28 14.65 -20.47
CA LYS A 30 -16.55 16.04 -20.83
C LYS A 30 -17.60 16.64 -19.89
N VAL A 31 -18.72 15.94 -19.69
CA VAL A 31 -19.80 16.44 -18.88
C VAL A 31 -19.33 16.65 -17.43
N VAL A 32 -18.70 15.61 -16.87
CA VAL A 32 -18.28 15.60 -15.48
C VAL A 32 -17.29 16.71 -15.20
N GLU A 33 -16.31 16.89 -16.09
CA GLU A 33 -15.30 17.93 -15.96
C GLU A 33 -15.97 19.30 -15.92
N ARG A 34 -16.94 19.50 -16.80
CA ARG A 34 -17.62 20.79 -16.87
C ARG A 34 -18.42 21.01 -15.58
N LEU A 35 -19.09 19.96 -15.08
CA LEU A 35 -19.84 20.11 -13.86
C LEU A 35 -18.86 20.40 -12.71
N LEU A 36 -17.68 19.79 -12.75
CA LEU A 36 -16.72 19.95 -11.67
C LEU A 36 -16.12 21.36 -11.71
N ARG A 37 -15.85 21.90 -12.91
CA ARG A 37 -15.35 23.26 -13.05
C ARG A 37 -16.37 24.24 -12.48
N ARG A 38 -17.66 24.06 -12.80
CA ARG A 38 -18.69 25.00 -12.39
C ARG A 38 -18.82 25.04 -10.87
N MET A 39 -18.59 23.90 -10.23
CA MET A 39 -18.67 23.79 -8.78
C MET A 39 -17.58 24.64 -8.11
N GLN A 40 -16.51 25.05 -8.82
CA GLN A 40 -15.47 25.85 -8.21
C GLN A 40 -15.44 27.30 -8.72
N LYS A 41 -16.60 27.91 -8.94
CA LYS A 41 -16.67 29.28 -9.44
C LYS A 41 -17.47 30.15 -8.48
N ARG A 42 -17.46 31.47 -8.76
CA ARG A 42 -18.33 32.46 -8.15
C ARG A 42 -18.53 32.20 -6.66
N GLU A 43 -17.47 31.79 -5.98
CA GLU A 43 -17.61 31.22 -4.65
C GLU A 43 -19.02 30.64 -4.55
N SER A 44 -19.22 29.51 -5.24
CA SER A 44 -20.28 28.58 -4.91
C SER A 44 -19.92 27.91 -3.59
N GLU A 45 -20.93 27.32 -2.95
CA GLU A 45 -20.80 26.73 -1.64
C GLU A 45 -19.99 25.44 -1.72
N PHE A 46 -19.84 24.91 -2.94
CA PHE A 46 -19.17 23.64 -3.15
C PHE A 46 -17.76 23.83 -3.69
N LYS A 47 -17.22 25.05 -3.62
CA LYS A 47 -15.87 25.27 -4.11
C LYS A 47 -14.95 24.37 -3.29
N GLY A 48 -14.00 23.71 -3.96
CA GLY A 48 -13.07 22.79 -3.31
C GLY A 48 -13.42 21.31 -3.52
N VAL A 49 -14.69 21.02 -3.84
CA VAL A 49 -15.15 19.66 -4.06
C VAL A 49 -14.22 18.99 -5.08
N GLU A 50 -13.93 17.70 -4.88
CA GLU A 50 -13.04 16.96 -5.76
C GLU A 50 -13.73 15.67 -6.22
N GLN A 51 -13.21 15.10 -7.31
CA GLN A 51 -13.90 14.03 -8.02
C GLN A 51 -13.36 12.72 -7.50
N LEU A 52 -14.26 11.79 -7.22
CA LEU A 52 -13.89 10.43 -6.85
C LEU A 52 -14.70 9.46 -7.70
N ASN A 53 -14.04 8.75 -8.63
CA ASN A 53 -14.73 7.78 -9.46
C ASN A 53 -14.93 6.48 -8.71
N THR A 54 -16.18 6.01 -8.69
CA THR A 54 -16.54 4.83 -7.89
C THR A 54 -17.57 3.94 -8.57
N GLY A 55 -17.82 2.81 -7.93
CA GLY A 55 -18.81 1.88 -8.44
C GLY A 55 -18.26 1.00 -9.56
N SER A 56 -19.15 0.30 -10.23
CA SER A 56 -18.81 -0.88 -10.98
C SER A 56 -17.90 -0.55 -12.16
N TYR A 57 -18.16 0.55 -12.88
CA TYR A 57 -17.34 0.81 -14.06
C TYR A 57 -15.89 1.02 -13.63
N TYR A 58 -15.65 1.71 -12.52
CA TYR A 58 -14.30 2.03 -12.08
C TYR A 58 -13.66 0.84 -11.36
N GLU A 59 -14.47 -0.14 -10.92
CA GLU A 59 -13.97 -1.39 -10.35
C GLU A 59 -13.81 -2.50 -11.42
N HIS A 60 -14.14 -2.22 -12.68
CA HIS A 60 -14.07 -3.20 -13.76
C HIS A 60 -15.01 -4.38 -13.54
N VAL A 61 -16.19 -4.16 -12.95
CA VAL A 61 -17.24 -5.19 -12.90
C VAL A 61 -18.54 -4.69 -13.52
N LYS A 62 -18.51 -3.62 -14.32
CA LYS A 62 -19.69 -3.23 -15.07
C LYS A 62 -19.93 -4.29 -16.13
N ILE A 63 -21.18 -4.72 -16.27
CA ILE A 63 -21.48 -5.75 -17.23
C ILE A 63 -22.33 -5.19 -18.37
N SER A 64 -22.20 -5.83 -19.54
CA SER A 64 -23.22 -5.75 -20.56
C SER A 64 -23.55 -4.28 -20.82
N ALA A 65 -22.69 -3.57 -21.58
CA ALA A 65 -22.77 -2.12 -21.85
C ALA A 65 -22.25 -1.17 -20.76
N PRO A 66 -21.48 -0.12 -21.17
CA PRO A 66 -21.00 0.91 -20.26
C PRO A 66 -21.96 2.09 -20.19
N ASN A 67 -23.06 1.89 -19.49
CA ASN A 67 -24.21 2.77 -19.60
C ASN A 67 -24.60 3.35 -18.24
N GLU A 68 -23.73 3.17 -17.22
CA GLU A 68 -24.03 3.68 -15.90
C GLU A 68 -22.72 3.93 -15.17
N PHE A 69 -22.48 5.21 -14.78
CA PHE A 69 -21.26 5.68 -14.15
C PHE A 69 -21.59 6.36 -12.82
N ASP A 70 -20.80 6.09 -11.79
CA ASP A 70 -21.05 6.72 -10.51
C ASP A 70 -19.85 7.59 -10.13
N VAL A 71 -20.08 8.89 -9.91
CA VAL A 71 -18.98 9.76 -9.54
C VAL A 71 -19.36 10.60 -8.32
N MET A 72 -18.46 10.54 -7.34
CA MET A 72 -18.65 11.25 -6.07
C MET A 72 -18.00 12.61 -6.21
N PHE A 73 -18.75 13.67 -5.90
CA PHE A 73 -18.17 14.99 -5.71
C PHE A 73 -18.05 15.23 -4.22
N LYS A 74 -16.83 15.08 -3.71
CA LYS A 74 -16.60 15.00 -2.27
C LYS A 74 -16.10 16.35 -1.79
N LEU A 75 -16.55 16.79 -0.62
CA LEU A 75 -16.14 18.07 -0.08
C LEU A 75 -15.58 17.87 1.34
N GLU A 76 -14.29 18.20 1.50
CA GLU A 76 -13.62 18.22 2.80
C GLU A 76 -14.42 19.11 3.74
N VAL A 77 -14.87 18.55 4.87
CA VAL A 77 -15.60 19.34 5.85
C VAL A 77 -14.93 19.14 7.22
N PRO A 78 -14.13 20.13 7.70
CA PRO A 78 -13.27 19.94 8.88
C PRO A 78 -14.04 19.69 10.18
N ARG A 79 -14.24 20.69 11.03
CA ARG A 79 -14.67 20.41 12.39
C ARG A 79 -16.12 19.95 12.37
N ILE A 80 -16.35 18.63 12.44
CA ILE A 80 -17.72 18.12 12.49
C ILE A 80 -17.85 16.98 13.49
N GLU A 81 -18.90 17.10 14.30
CA GLU A 81 -19.35 16.10 15.25
C GLU A 81 -20.57 15.39 14.64
N LEU A 82 -20.69 14.10 14.96
CA LEU A 82 -21.66 13.20 14.37
C LEU A 82 -22.54 12.68 15.50
N GLN A 83 -23.84 12.57 15.24
CA GLN A 83 -24.72 11.89 16.17
C GLN A 83 -25.43 10.77 15.42
N GLU A 84 -25.27 9.55 15.92
CA GLU A 84 -25.88 8.40 15.29
C GLU A 84 -27.39 8.55 15.38
N TYR A 85 -28.05 8.24 14.27
CA TYR A 85 -29.48 8.38 14.16
C TYR A 85 -30.13 7.08 14.62
N TYR A 86 -30.54 7.05 15.90
CA TYR A 86 -31.32 5.96 16.46
C TYR A 86 -30.65 4.60 16.22
N GLU A 87 -29.37 4.49 16.59
CA GLU A 87 -28.68 3.21 16.67
C GLU A 87 -28.74 2.42 15.35
N THR A 88 -28.95 3.10 14.21
CA THR A 88 -29.01 2.45 12.92
C THR A 88 -27.63 2.00 12.45
N GLY A 89 -26.61 2.77 12.84
CA GLY A 89 -25.24 2.43 12.49
C GLY A 89 -24.74 3.15 11.23
N ALA A 90 -25.66 3.38 10.29
CA ALA A 90 -25.32 3.88 8.96
C ALA A 90 -25.80 5.33 8.78
N PHE A 91 -26.71 5.80 9.63
CA PHE A 91 -27.34 7.10 9.44
C PHE A 91 -26.95 8.03 10.59
N TYR A 92 -26.67 9.30 10.24
CA TYR A 92 -26.18 10.30 11.18
C TYR A 92 -26.76 11.68 10.88
N LEU A 93 -26.78 12.53 11.91
CA LEU A 93 -26.84 13.98 11.82
C LEU A 93 -25.42 14.55 11.90
N VAL A 94 -25.19 15.65 11.17
CA VAL A 94 -23.91 16.32 11.13
C VAL A 94 -24.05 17.67 11.81
N LYS A 95 -23.03 18.09 12.56
CA LYS A 95 -23.07 19.37 13.25
C LYS A 95 -21.71 20.08 13.21
N PHE A 96 -21.71 21.38 13.55
CA PHE A 96 -20.49 22.13 13.82
C PHE A 96 -20.54 22.67 15.26
N GLY A 102 -18.30 33.45 8.55
CA GLY A 102 -19.00 33.23 7.26
C GLY A 102 -18.49 31.99 6.53
N ASN A 103 -18.74 30.81 7.11
CA ASN A 103 -18.49 29.52 6.47
C ASN A 103 -19.45 29.35 5.28
N PRO A 104 -19.01 28.75 4.15
CA PRO A 104 -19.86 28.61 2.96
C PRO A 104 -21.20 27.91 3.21
N LEU A 105 -21.18 26.90 4.09
CA LEU A 105 -22.29 25.97 4.31
C LEU A 105 -23.33 26.53 5.29
N SER A 106 -23.15 27.76 5.79
CA SER A 106 -24.10 28.38 6.70
C SER A 106 -25.51 28.33 6.12
N HIS A 107 -25.61 28.39 4.78
CA HIS A 107 -26.88 28.57 4.09
C HIS A 107 -27.74 27.31 4.20
N PHE A 108 -27.15 26.21 4.70
CA PHE A 108 -27.82 24.93 4.80
C PHE A 108 -27.98 24.48 6.26
N LEU A 109 -27.58 25.35 7.19
CA LEU A 109 -27.62 25.01 8.60
C LEU A 109 -29.03 25.27 9.12
N GLU A 110 -29.48 24.44 10.06
CA GLU A 110 -30.64 24.79 10.86
C GLU A 110 -30.42 24.27 12.27
N GLY A 111 -30.00 25.19 13.15
CA GLY A 111 -29.73 24.88 14.55
C GLY A 111 -28.57 23.88 14.67
N GLU A 112 -27.40 24.32 14.22
CA GLU A 112 -26.16 23.54 14.21
C GLU A 112 -26.22 22.30 13.33
N VAL A 113 -27.34 22.04 12.64
CA VAL A 113 -27.51 20.78 11.92
C VAL A 113 -27.39 21.02 10.41
N LEU A 114 -26.46 20.31 9.78
CA LEU A 114 -26.28 20.43 8.34
C LEU A 114 -27.33 19.58 7.63
N SER A 115 -28.33 20.29 7.06
CA SER A 115 -29.39 19.66 6.31
C SER A 115 -28.89 19.04 5.00
N ALA A 116 -28.95 17.70 4.94
CA ALA A 116 -28.76 16.95 3.73
C ALA A 116 -29.59 17.53 2.59
N THR A 117 -30.92 17.70 2.77
CA THR A 117 -31.76 18.02 1.63
C THR A 117 -31.53 19.44 1.14
N LYS A 118 -31.24 20.38 2.05
CA LYS A 118 -31.00 21.75 1.62
C LYS A 118 -29.71 21.80 0.80
N MET A 119 -28.71 21.07 1.24
CA MET A 119 -27.43 21.11 0.57
C MET A 119 -27.57 20.39 -0.79
N LEU A 120 -28.20 19.21 -0.78
CA LEU A 120 -28.44 18.48 -2.01
C LEU A 120 -29.30 19.31 -2.97
N SER A 121 -30.23 20.10 -2.44
CA SER A 121 -31.09 20.89 -3.29
C SER A 121 -30.29 21.91 -4.08
N LYS A 122 -29.32 22.55 -3.42
CA LYS A 122 -28.53 23.57 -4.07
C LYS A 122 -27.60 22.93 -5.10
N PHE A 123 -26.93 21.86 -4.68
CA PHE A 123 -26.10 21.08 -5.58
C PHE A 123 -26.85 20.77 -6.87
N ARG A 124 -28.11 20.33 -6.69
CA ARG A 124 -28.94 19.91 -7.79
C ARG A 124 -29.23 21.09 -8.71
N LYS A 125 -29.61 22.21 -8.10
CA LYS A 125 -29.99 23.40 -8.82
C LYS A 125 -28.81 23.86 -9.67
N ILE A 126 -27.61 23.88 -9.08
CA ILE A 126 -26.43 24.29 -9.81
C ILE A 126 -26.24 23.37 -11.01
N ILE A 127 -26.34 22.06 -10.76
CA ILE A 127 -26.10 21.11 -11.83
C ILE A 127 -27.08 21.33 -12.97
N LYS A 128 -28.36 21.55 -12.65
CA LYS A 128 -29.38 21.69 -13.67
C LYS A 128 -29.06 22.87 -14.59
N GLU A 129 -28.56 23.96 -13.98
CA GLU A 129 -28.23 25.17 -14.72
C GLU A 129 -27.08 24.90 -15.68
N GLU A 130 -26.04 24.24 -15.20
CA GLU A 130 -24.90 23.99 -16.07
C GLU A 130 -25.29 23.09 -17.25
N VAL A 131 -26.22 22.15 -17.01
CA VAL A 131 -26.69 21.23 -18.03
C VAL A 131 -27.43 21.95 -19.14
N LYS A 132 -28.24 22.96 -18.79
CA LYS A 132 -28.93 23.78 -19.76
C LYS A 132 -27.92 24.47 -20.69
N GLU A 133 -26.72 24.77 -20.17
CA GLU A 133 -25.71 25.53 -20.89
C GLU A 133 -24.91 24.64 -21.84
N ILE A 134 -25.14 23.32 -21.79
CA ILE A 134 -24.38 22.40 -22.63
C ILE A 134 -25.13 22.21 -23.94
N LYS A 135 -24.48 22.62 -25.04
CA LYS A 135 -25.02 22.53 -26.39
C LYS A 135 -24.34 21.45 -27.22
N ASP A 136 -23.19 20.91 -26.77
CA ASP A 136 -22.42 19.90 -27.48
C ASP A 136 -23.19 18.57 -27.59
N ILE A 137 -23.89 18.21 -26.50
CA ILE A 137 -24.32 16.83 -26.28
C ILE A 137 -25.73 16.82 -25.71
N ASP A 138 -26.47 15.73 -25.98
CA ASP A 138 -27.85 15.54 -25.57
C ASP A 138 -27.87 14.95 -24.16
N VAL A 139 -28.12 15.80 -23.17
CA VAL A 139 -28.00 15.48 -21.77
C VAL A 139 -29.07 16.22 -20.96
N SER A 140 -29.93 15.48 -20.25
CA SER A 140 -30.92 16.05 -19.35
C SER A 140 -30.72 15.53 -17.92
N VAL A 141 -31.46 16.11 -16.99
CA VAL A 141 -31.38 15.73 -15.60
C VAL A 141 -32.66 14.98 -15.25
N GLU A 142 -32.48 13.78 -14.68
CA GLU A 142 -33.57 12.88 -14.37
C GLU A 142 -34.36 13.44 -13.20
N LYS A 143 -35.69 13.24 -13.20
CA LYS A 143 -36.54 13.61 -12.09
C LYS A 143 -35.98 13.03 -10.79
N GLU A 144 -36.11 13.78 -9.69
CA GLU A 144 -35.52 13.43 -8.41
C GLU A 144 -36.31 12.27 -7.80
N LYS A 145 -35.59 11.21 -7.38
CA LYS A 145 -36.15 10.16 -6.53
C LYS A 145 -35.99 10.59 -5.09
N PRO A 146 -37.09 10.77 -4.30
CA PRO A 146 -36.95 11.23 -2.90
C PRO A 146 -36.06 10.30 -2.07
N GLY A 147 -35.28 10.91 -1.15
CA GLY A 147 -34.30 10.21 -0.34
C GLY A 147 -33.10 9.61 -1.09
N SER A 148 -32.96 9.81 -2.41
CA SER A 148 -31.75 9.42 -3.15
C SER A 148 -30.64 10.46 -3.00
N PRO A 149 -29.38 10.02 -2.83
CA PRO A 149 -28.26 10.96 -2.70
C PRO A 149 -27.79 11.52 -4.04
N ALA A 150 -28.35 11.02 -5.15
CA ALA A 150 -27.77 11.26 -6.46
C ALA A 150 -28.51 12.37 -7.21
N VAL A 151 -27.75 13.14 -7.97
CA VAL A 151 -28.27 13.85 -9.13
C VAL A 151 -27.88 13.05 -10.36
N THR A 152 -28.86 12.58 -11.13
CA THR A 152 -28.60 11.63 -12.20
C THR A 152 -28.81 12.31 -13.55
N LEU A 153 -27.79 12.18 -14.40
CA LEU A 153 -27.79 12.71 -15.75
C LEU A 153 -28.09 11.58 -16.72
N LEU A 154 -28.94 11.86 -17.70
CA LEU A 154 -29.26 10.94 -18.76
C LEU A 154 -28.67 11.48 -20.05
N ILE A 155 -27.67 10.79 -20.60
CA ILE A 155 -27.03 11.17 -21.85
C ILE A 155 -27.52 10.24 -22.96
N ARG A 156 -27.57 10.73 -24.20
CA ARG A 156 -27.82 9.93 -25.39
C ARG A 156 -26.80 10.36 -26.44
N ASN A 157 -25.74 9.58 -26.71
CA ASN A 157 -24.93 9.85 -27.90
C ASN A 157 -25.31 8.79 -28.95
N PRO A 158 -24.63 7.63 -29.04
CA PRO A 158 -25.28 6.51 -29.70
C PRO A 158 -26.55 6.15 -28.91
N GLU A 159 -26.46 6.14 -27.57
CA GLU A 159 -27.35 5.33 -26.74
C GLU A 159 -27.44 5.88 -25.33
N GLU A 160 -28.29 5.27 -24.51
CA GLU A 160 -28.65 5.79 -23.20
C GLU A 160 -27.51 5.50 -22.21
N ILE A 161 -27.03 6.57 -21.53
CA ILE A 161 -26.01 6.48 -20.49
C ILE A 161 -26.44 7.29 -19.27
N SER A 162 -26.43 6.68 -18.09
CA SER A 162 -26.78 7.36 -16.85
C SER A 162 -25.51 7.73 -16.08
N VAL A 163 -25.45 8.95 -15.56
CA VAL A 163 -24.35 9.37 -14.70
C VAL A 163 -24.92 9.87 -13.37
N ASN A 164 -24.53 9.19 -12.29
CA ASN A 164 -24.99 9.55 -10.96
C ASN A 164 -23.92 10.41 -10.30
N ILE A 165 -24.25 11.68 -10.05
CA ILE A 165 -23.35 12.58 -9.37
C ILE A 165 -23.74 12.57 -7.89
N ILE A 166 -22.87 12.02 -7.06
CA ILE A 166 -23.16 11.84 -5.65
C ILE A 166 -22.38 12.87 -4.81
N LEU A 167 -23.11 13.83 -4.22
CA LEU A 167 -22.54 14.73 -3.24
C LEU A 167 -22.06 13.94 -2.03
N ALA A 168 -20.89 14.32 -1.50
CA ALA A 168 -20.34 13.60 -0.37
C ALA A 168 -19.55 14.53 0.54
N LEU A 169 -19.85 14.44 1.84
CA LEU A 169 -18.98 15.03 2.85
C LEU A 169 -17.78 14.10 3.05
N GLU A 170 -16.57 14.68 3.12
CA GLU A 170 -15.37 13.95 3.45
C GLU A 170 -14.93 14.34 4.87
N SER A 171 -14.83 13.36 5.76
CA SER A 171 -14.21 13.57 7.06
C SER A 171 -12.91 12.77 7.15
N LYS A 172 -11.90 13.35 7.75
CA LYS A 172 -10.59 12.73 7.85
C LYS A 172 -10.36 12.11 9.24
N GLY A 173 -11.32 12.28 10.16
CA GLY A 173 -11.19 11.68 11.47
C GLY A 173 -11.26 10.17 11.39
N SER A 174 -11.11 9.53 12.55
CA SER A 174 -11.27 8.09 12.62
C SER A 174 -12.73 7.74 12.35
N TRP A 175 -12.93 6.57 11.77
CA TRP A 175 -14.24 6.16 11.32
C TRP A 175 -15.19 6.07 12.51
N PRO A 176 -16.50 6.22 12.32
CA PRO A 176 -17.42 6.10 13.44
C PRO A 176 -17.41 4.70 14.05
N ILE A 177 -17.60 4.71 15.37
CA ILE A 177 -17.64 3.58 16.29
C ILE A 177 -18.39 2.38 15.69
N SER A 178 -19.49 2.64 15.02
CA SER A 178 -20.29 1.57 14.46
C SER A 178 -19.50 0.72 13.46
N THR A 179 -18.35 1.22 12.97
CA THR A 179 -17.58 0.46 12.02
C THR A 179 -16.43 -0.29 12.69
N LYS A 180 -16.28 -0.20 14.01
CA LYS A 180 -15.08 -0.78 14.62
C LYS A 180 -14.90 -2.26 14.28
N GLU A 181 -15.98 -3.05 14.31
CA GLU A 181 -15.89 -4.50 14.11
C GLU A 181 -16.17 -4.88 12.66
N GLY A 182 -16.26 -3.88 11.77
CA GLY A 182 -16.54 -4.10 10.36
C GLY A 182 -15.26 -4.34 9.60
N LEU A 183 -15.37 -4.51 8.28
CA LEU A 183 -14.21 -4.71 7.40
C LEU A 183 -13.30 -5.82 7.95
N PRO A 184 -13.87 -7.02 8.13
CA PRO A 184 -13.16 -8.13 8.75
C PRO A 184 -12.22 -8.86 7.80
N ILE A 185 -11.20 -8.13 7.31
CA ILE A 185 -10.31 -8.57 6.26
C ILE A 185 -9.00 -9.14 6.79
N GLN A 186 -8.91 -9.34 8.12
CA GLN A 186 -7.66 -9.70 8.78
C GLN A 186 -7.06 -11.02 8.28
N GLY A 187 -7.91 -12.02 8.02
CA GLY A 187 -7.46 -13.31 7.57
C GLY A 187 -7.30 -13.39 6.05
N TRP A 188 -7.59 -12.27 5.36
CA TRP A 188 -7.67 -12.27 3.91
C TRP A 188 -6.69 -11.28 3.31
N LEU A 189 -6.92 -9.98 3.52
CA LEU A 189 -6.01 -8.94 3.07
C LEU A 189 -5.04 -8.52 4.20
N GLY A 190 -5.46 -8.70 5.45
CA GLY A 190 -4.54 -8.60 6.57
C GLY A 190 -4.68 -7.30 7.37
N THR A 191 -3.91 -7.23 8.45
CA THR A 191 -4.03 -6.14 9.42
C THR A 191 -3.40 -4.85 8.90
N LYS A 192 -2.27 -4.94 8.20
CA LYS A 192 -1.66 -3.73 7.69
C LYS A 192 -2.61 -3.07 6.67
N VAL A 193 -3.19 -3.86 5.74
CA VAL A 193 -4.15 -3.30 4.78
C VAL A 193 -5.32 -2.66 5.52
N ARG A 194 -5.88 -3.34 6.53
CA ARG A 194 -7.03 -2.84 7.26
C ARG A 194 -6.69 -1.56 8.02
N THR A 195 -5.52 -1.52 8.66
CA THR A 195 -5.14 -0.31 9.38
C THR A 195 -5.07 0.88 8.42
N ASN A 196 -4.46 0.65 7.25
CA ASN A 196 -4.24 1.70 6.28
C ASN A 196 -5.57 2.14 5.68
N LEU A 197 -6.45 1.16 5.37
CA LEU A 197 -7.72 1.52 4.79
C LEU A 197 -8.47 2.47 5.73
N ARG A 198 -8.36 2.21 7.02
CA ARG A 198 -9.15 2.87 8.04
C ARG A 198 -8.52 4.22 8.42
N ARG A 199 -7.33 4.51 7.88
CA ARG A 199 -6.70 5.80 7.97
C ARG A 199 -7.13 6.73 6.83
N GLU A 200 -7.71 6.15 5.77
CA GLU A 200 -8.34 6.95 4.73
C GLU A 200 -9.55 7.67 5.34
N PRO A 201 -10.06 8.74 4.69
CA PRO A 201 -11.27 9.40 5.17
C PRO A 201 -12.51 8.52 5.07
N PHE A 202 -13.63 8.96 5.67
CA PHE A 202 -14.92 8.35 5.41
C PHE A 202 -15.83 9.38 4.76
N TYR A 203 -16.95 8.90 4.21
CA TYR A 203 -17.83 9.72 3.42
C TYR A 203 -19.24 9.59 3.95
N LEU A 204 -19.97 10.70 3.77
CA LEU A 204 -21.36 10.82 4.16
C LEU A 204 -22.11 11.34 2.94
N VAL A 205 -23.17 10.63 2.58
CA VAL A 205 -24.01 11.04 1.46
C VAL A 205 -25.40 11.29 1.97
N PRO A 206 -26.20 12.17 1.34
CA PRO A 206 -27.62 12.36 1.73
C PRO A 206 -28.54 11.14 1.63
N LYS A 207 -29.12 10.66 2.74
CA LYS A 207 -30.18 9.66 2.70
C LYS A 207 -31.24 10.03 1.65
N GLN A 216 -35.29 13.46 9.38
CA GLN A 216 -35.45 12.71 8.09
C GLN A 216 -34.64 13.37 6.98
N GLY A 217 -34.94 14.64 6.75
CA GLY A 217 -34.36 15.41 5.65
C GLY A 217 -32.98 15.93 5.99
N GLU A 218 -32.53 15.79 7.25
CA GLU A 218 -31.19 16.22 7.65
C GLU A 218 -30.24 15.03 7.81
N THR A 219 -30.74 13.82 7.55
CA THR A 219 -30.04 12.56 7.77
C THR A 219 -29.00 12.31 6.68
N TRP A 220 -27.80 11.82 7.05
CA TRP A 220 -26.81 11.38 6.08
C TRP A 220 -26.45 9.91 6.30
N ARG A 221 -25.88 9.26 5.27
CA ARG A 221 -25.53 7.85 5.27
C ARG A 221 -24.04 7.71 4.93
N LEU A 222 -23.36 6.78 5.62
CA LEU A 222 -21.96 6.50 5.36
C LEU A 222 -21.78 5.87 3.99
N SER A 223 -20.67 6.21 3.33
CA SER A 223 -20.26 5.54 2.11
C SER A 223 -18.80 5.08 2.27
N PHE A 224 -18.55 3.89 1.73
CA PHE A 224 -17.24 3.25 1.74
C PHE A 224 -16.83 2.87 0.32
N SER A 225 -17.41 3.57 -0.66
CA SER A 225 -17.20 3.28 -2.06
C SER A 225 -15.73 3.28 -2.42
N HIS A 226 -14.97 4.16 -1.78
CA HIS A 226 -13.54 4.24 -2.02
C HIS A 226 -12.85 2.98 -1.52
N THR A 227 -13.23 2.50 -0.33
CA THR A 227 -12.64 1.31 0.24
C THR A 227 -13.02 0.09 -0.59
N GLU A 228 -14.27 0.03 -1.05
CA GLU A 228 -14.73 -1.07 -1.87
C GLU A 228 -13.92 -1.16 -3.19
N LYS A 229 -13.63 -0.01 -3.79
CA LYS A 229 -12.86 0.07 -5.03
C LYS A 229 -11.46 -0.49 -4.83
N TYR A 230 -10.81 -0.10 -3.73
CA TYR A 230 -9.52 -0.63 -3.38
C TYR A 230 -9.61 -2.16 -3.25
N ILE A 231 -10.61 -2.67 -2.56
CA ILE A 231 -10.73 -4.11 -2.33
C ILE A 231 -10.95 -4.84 -3.64
N LEU A 232 -11.81 -4.31 -4.51
CA LEU A 232 -12.04 -4.98 -5.79
C LEU A 232 -10.77 -5.02 -6.62
N ASN A 233 -9.90 -4.02 -6.50
CA ASN A 233 -8.71 -3.99 -7.32
C ASN A 233 -7.51 -4.57 -6.59
N ASN A 234 -7.70 -5.02 -5.33
CA ASN A 234 -6.63 -5.60 -4.53
C ASN A 234 -7.21 -6.76 -3.72
N HIS A 235 -7.76 -7.75 -4.42
CA HIS A 235 -8.75 -8.66 -3.85
C HIS A 235 -8.16 -9.99 -3.41
N GLY A 236 -6.88 -10.23 -3.65
CA GLY A 236 -6.28 -11.53 -3.40
C GLY A 236 -5.55 -11.61 -2.06
N ILE A 237 -5.34 -12.83 -1.57
CA ILE A 237 -4.47 -13.00 -0.44
C ILE A 237 -3.01 -12.90 -0.91
N GLU A 238 -2.71 -13.38 -2.14
CA GLU A 238 -1.42 -13.12 -2.74
C GLU A 238 -1.45 -11.76 -3.44
N LYS A 239 -0.33 -11.05 -3.36
CA LYS A 239 -0.20 -9.73 -3.91
C LYS A 239 -0.26 -9.77 -5.43
N THR A 240 0.08 -10.93 -6.03
CA THR A 240 0.15 -11.08 -7.46
C THR A 240 -1.15 -11.59 -8.05
N CYS A 241 -2.21 -11.76 -7.24
CA CYS A 241 -3.49 -12.21 -7.76
C CYS A 241 -3.93 -11.31 -8.91
N CYS A 242 -4.12 -11.90 -10.08
CA CYS A 242 -4.72 -11.28 -11.25
C CYS A 242 -3.71 -10.34 -11.95
N GLU A 243 -2.42 -10.43 -11.62
CA GLU A 243 -1.38 -9.58 -12.19
C GLU A 243 -0.67 -10.33 -13.31
N SER A 244 0.19 -9.64 -14.04
CA SER A 244 0.85 -10.19 -15.21
C SER A 244 1.93 -11.24 -14.87
N SER A 245 2.43 -11.29 -13.62
CA SER A 245 3.32 -12.37 -13.19
C SER A 245 2.69 -13.18 -12.06
N GLY A 246 1.36 -13.23 -12.07
CA GLY A 246 0.60 -13.93 -11.06
C GLY A 246 -0.46 -14.81 -11.71
N ALA A 247 -1.41 -15.27 -10.91
CA ALA A 247 -2.38 -16.24 -11.37
C ALA A 247 -3.74 -15.55 -11.34
N LYS A 248 -4.54 -15.92 -12.31
CA LYS A 248 -5.85 -15.32 -12.49
C LYS A 248 -6.77 -15.99 -11.45
N CYS A 249 -7.63 -15.20 -10.77
CA CYS A 249 -8.70 -15.79 -9.97
C CYS A 249 -10.03 -15.53 -10.67
N CYS A 250 -11.15 -16.05 -10.14
CA CYS A 250 -12.44 -15.80 -10.74
C CYS A 250 -13.37 -15.04 -9.79
N ARG A 251 -12.82 -14.35 -8.80
CA ARG A 251 -13.63 -13.57 -7.89
C ARG A 251 -14.50 -12.53 -8.64
N LYS A 252 -13.92 -11.77 -9.55
CA LYS A 252 -14.68 -10.72 -10.21
C LYS A 252 -15.71 -11.31 -11.18
N GLU A 253 -15.36 -12.43 -11.80
CA GLU A 253 -16.24 -13.13 -12.71
C GLU A 253 -17.50 -13.60 -11.97
N CYS A 254 -17.33 -14.12 -10.75
CA CYS A 254 -18.47 -14.52 -9.94
C CYS A 254 -19.31 -13.30 -9.61
N LEU A 255 -18.66 -12.20 -9.26
CA LEU A 255 -19.45 -11.02 -8.95
C LEU A 255 -20.27 -10.65 -10.20
N LYS A 256 -19.69 -10.75 -11.40
CA LYS A 256 -20.41 -10.34 -12.59
C LYS A 256 -21.60 -11.26 -12.86
N LEU A 257 -21.41 -12.56 -12.66
CA LEU A 257 -22.49 -13.50 -12.95
C LEU A 257 -23.65 -13.25 -11.98
N MET A 258 -23.31 -12.95 -10.73
CA MET A 258 -24.34 -12.76 -9.73
C MET A 258 -25.08 -11.45 -10.01
N LYS A 259 -24.35 -10.40 -10.40
CA LYS A 259 -24.96 -9.12 -10.74
C LYS A 259 -25.94 -9.28 -11.88
N TYR A 260 -25.54 -10.10 -12.87
CA TYR A 260 -26.33 -10.34 -14.07
C TYR A 260 -27.59 -11.12 -13.75
N LEU A 261 -27.51 -12.11 -12.87
CA LEU A 261 -28.68 -12.86 -12.51
C LEU A 261 -29.71 -11.93 -11.86
N LEU A 262 -29.24 -11.03 -11.01
CA LEU A 262 -30.15 -10.10 -10.37
C LEU A 262 -30.69 -9.09 -11.39
N GLU A 263 -29.82 -8.48 -12.20
CA GLU A 263 -30.29 -7.53 -13.21
C GLU A 263 -31.40 -8.15 -14.08
N GLN A 264 -31.18 -9.36 -14.60
CA GLN A 264 -32.15 -9.98 -15.49
C GLN A 264 -33.45 -10.21 -14.74
N LEU A 265 -33.35 -10.68 -13.49
CA LEU A 265 -34.56 -10.97 -12.73
C LEU A 265 -35.31 -9.66 -12.47
N LYS A 266 -34.53 -8.61 -12.20
CA LYS A 266 -35.09 -7.34 -11.78
C LYS A 266 -35.84 -6.68 -12.94
N LYS A 267 -35.32 -6.81 -14.17
CA LYS A 267 -36.04 -6.14 -15.26
C LYS A 267 -37.33 -6.89 -15.61
N GLU A 268 -37.50 -8.15 -15.20
CA GLU A 268 -38.72 -8.88 -15.49
C GLU A 268 -39.75 -8.75 -14.38
N PHE A 269 -39.31 -8.65 -13.13
CA PHE A 269 -40.23 -8.79 -12.00
C PHE A 269 -40.13 -7.55 -11.09
N GLN A 270 -41.25 -6.83 -10.96
CA GLN A 270 -41.28 -5.64 -10.13
C GLN A 270 -41.34 -6.05 -8.65
N GLU A 271 -41.63 -7.34 -8.42
CA GLU A 271 -41.61 -7.94 -7.09
C GLU A 271 -40.22 -7.79 -6.47
N LEU A 272 -39.20 -7.57 -7.30
CA LEU A 272 -37.82 -7.49 -6.82
C LEU A 272 -37.31 -6.05 -6.74
N ASP A 273 -38.22 -5.06 -6.68
CA ASP A 273 -37.83 -3.66 -6.65
C ASP A 273 -36.97 -3.34 -5.44
N ALA A 274 -37.16 -4.05 -4.31
CA ALA A 274 -36.41 -3.75 -3.10
C ALA A 274 -34.97 -4.22 -3.18
N PHE A 275 -34.64 -5.08 -4.16
CA PHE A 275 -33.28 -5.60 -4.25
C PHE A 275 -32.45 -4.72 -5.15
N CYS A 276 -31.14 -4.70 -4.90
CA CYS A 276 -30.21 -3.89 -5.66
C CYS A 276 -28.85 -4.56 -5.68
N SER A 277 -28.00 -4.11 -6.60
CA SER A 277 -26.72 -4.76 -6.81
C SER A 277 -25.83 -4.70 -5.56
N TYR A 278 -26.03 -3.70 -4.70
CA TYR A 278 -25.24 -3.60 -3.48
C TYR A 278 -25.42 -4.84 -2.59
N HIS A 279 -26.59 -5.47 -2.65
CA HIS A 279 -26.84 -6.68 -1.88
C HIS A 279 -25.86 -7.77 -2.33
N VAL A 280 -25.66 -7.90 -3.66
CA VAL A 280 -24.81 -8.99 -4.12
C VAL A 280 -23.35 -8.61 -3.86
N LYS A 281 -23.00 -7.31 -3.93
CA LYS A 281 -21.63 -6.91 -3.64
C LYS A 281 -21.26 -7.21 -2.19
N THR A 282 -22.18 -6.86 -1.29
CA THR A 282 -22.01 -7.14 0.12
C THR A 282 -21.89 -8.65 0.35
N ALA A 283 -22.76 -9.44 -0.28
CA ALA A 283 -22.71 -10.88 -0.04
C ALA A 283 -21.35 -11.46 -0.45
N ILE A 284 -20.81 -11.00 -1.60
CA ILE A 284 -19.58 -11.58 -2.13
C ILE A 284 -18.39 -11.11 -1.29
N PHE A 285 -18.47 -9.95 -0.63
CA PHE A 285 -17.41 -9.54 0.28
C PHE A 285 -17.37 -10.52 1.47
N HIS A 286 -18.55 -10.92 1.96
CA HIS A 286 -18.62 -11.92 3.02
C HIS A 286 -18.02 -13.24 2.54
N MET A 287 -18.35 -13.70 1.32
CA MET A 287 -17.79 -14.93 0.78
C MET A 287 -16.29 -14.83 0.63
N TRP A 288 -15.81 -13.67 0.16
CA TRP A 288 -14.39 -13.51 -0.04
C TRP A 288 -13.66 -13.62 1.30
N THR A 289 -14.33 -13.24 2.38
CA THR A 289 -13.80 -13.31 3.74
C THR A 289 -13.84 -14.75 4.25
N GLN A 290 -14.97 -15.44 4.03
CA GLN A 290 -15.11 -16.82 4.44
C GLN A 290 -14.09 -17.73 3.75
N ASP A 291 -13.80 -17.43 2.46
CA ASP A 291 -12.93 -18.23 1.63
C ASP A 291 -11.80 -17.35 1.13
N PRO A 292 -10.83 -17.06 2.02
CA PRO A 292 -9.78 -16.09 1.69
C PRO A 292 -8.76 -16.54 0.63
N GLN A 293 -8.55 -17.85 0.49
CA GLN A 293 -7.45 -18.36 -0.31
C GLN A 293 -7.75 -18.11 -1.80
N ASP A 294 -6.73 -17.70 -2.56
CA ASP A 294 -6.87 -17.50 -4.00
C ASP A 294 -7.25 -18.82 -4.66
N SER A 295 -6.87 -19.94 -4.02
CA SER A 295 -7.04 -21.23 -4.63
C SER A 295 -8.49 -21.69 -4.49
N GLN A 296 -9.27 -21.00 -3.66
CA GLN A 296 -10.69 -21.29 -3.57
C GLN A 296 -11.45 -20.48 -4.61
N TRP A 297 -10.74 -19.73 -5.48
CA TRP A 297 -11.34 -19.00 -6.59
C TRP A 297 -10.54 -19.23 -7.88
N ASP A 298 -10.13 -20.48 -8.10
CA ASP A 298 -9.50 -20.90 -9.34
C ASP A 298 -10.48 -20.71 -10.50
N PRO A 299 -10.05 -20.15 -11.65
CA PRO A 299 -10.87 -20.02 -12.85
C PRO A 299 -11.49 -21.32 -13.35
N ARG A 300 -10.81 -22.44 -13.07
CA ARG A 300 -11.26 -23.75 -13.47
C ARG A 300 -12.48 -24.13 -12.63
N ASN A 301 -12.65 -23.52 -11.44
CA ASN A 301 -13.76 -23.87 -10.55
C ASN A 301 -14.85 -22.79 -10.54
N LEU A 302 -15.04 -22.13 -11.69
CA LEU A 302 -15.99 -21.04 -11.79
C LEU A 302 -17.40 -21.51 -11.43
N SER A 303 -17.82 -22.68 -11.88
CA SER A 303 -19.15 -23.21 -11.56
C SER A 303 -19.36 -23.35 -10.06
N SER A 304 -18.47 -24.10 -9.40
CA SER A 304 -18.54 -24.32 -7.97
C SER A 304 -18.58 -22.98 -7.26
N CYS A 305 -17.65 -22.09 -7.63
CA CYS A 305 -17.51 -20.79 -6.99
C CYS A 305 -18.82 -19.99 -7.12
N PHE A 306 -19.42 -19.98 -8.32
CA PHE A 306 -20.65 -19.25 -8.52
C PHE A 306 -21.73 -19.90 -7.67
N ASP A 307 -21.74 -21.24 -7.68
CA ASP A 307 -22.77 -22.01 -7.00
C ASP A 307 -22.70 -21.78 -5.49
N LYS A 308 -21.50 -21.75 -4.91
CA LYS A 308 -21.40 -21.59 -3.48
C LYS A 308 -21.90 -20.19 -3.11
N LEU A 309 -21.68 -19.23 -4.03
CA LEU A 309 -22.10 -17.86 -3.81
C LEU A 309 -23.62 -17.80 -3.80
N LEU A 310 -24.24 -18.48 -4.78
CA LEU A 310 -25.68 -18.56 -4.82
C LEU A 310 -26.23 -19.14 -3.52
N ALA A 311 -25.60 -20.22 -3.02
CA ALA A 311 -26.12 -20.90 -1.85
C ALA A 311 -26.06 -19.97 -0.63
N PHE A 312 -24.95 -19.23 -0.52
CA PHE A 312 -24.77 -18.30 0.57
C PHE A 312 -25.85 -17.20 0.52
N PHE A 313 -26.05 -16.64 -0.67
CA PHE A 313 -27.03 -15.59 -0.85
C PHE A 313 -28.41 -16.11 -0.45
N LEU A 314 -28.71 -17.36 -0.84
CA LEU A 314 -29.98 -17.99 -0.50
C LEU A 314 -30.13 -18.11 1.01
N GLU A 315 -29.04 -18.49 1.70
CA GLU A 315 -29.12 -18.57 3.15
C GLU A 315 -29.38 -17.18 3.73
N CYS A 316 -28.72 -16.15 3.17
CA CYS A 316 -29.01 -14.79 3.56
C CYS A 316 -30.50 -14.48 3.36
N LEU A 317 -31.08 -14.87 2.23
CA LEU A 317 -32.49 -14.56 2.00
C LEU A 317 -33.37 -15.30 3.01
N ARG A 318 -33.13 -16.61 3.18
CA ARG A 318 -34.05 -17.44 3.94
C ARG A 318 -33.97 -17.11 5.44
N THR A 319 -32.78 -16.77 5.92
CA THR A 319 -32.61 -16.39 7.32
C THR A 319 -32.78 -14.88 7.51
N GLU A 320 -33.03 -14.13 6.42
CA GLU A 320 -33.26 -12.71 6.53
C GLU A 320 -32.06 -12.02 7.20
N LYS A 321 -30.84 -12.36 6.79
CA LYS A 321 -29.66 -11.76 7.38
C LYS A 321 -28.57 -11.54 6.34
N LEU A 322 -28.28 -10.26 6.12
CA LEU A 322 -27.14 -9.82 5.32
C LEU A 322 -26.57 -8.54 5.91
N ASP A 323 -25.52 -8.65 6.71
CA ASP A 323 -24.96 -7.50 7.39
C ASP A 323 -24.11 -6.65 6.48
N HIS A 324 -24.24 -5.34 6.64
CA HIS A 324 -23.36 -4.42 5.97
C HIS A 324 -21.93 -4.84 6.30
N TYR A 325 -21.07 -4.93 5.30
CA TYR A 325 -19.69 -5.40 5.45
C TYR A 325 -18.89 -4.47 6.37
N PHE A 326 -19.27 -3.19 6.41
CA PHE A 326 -18.53 -2.15 7.11
C PHE A 326 -19.19 -1.81 8.43
N ILE A 327 -20.48 -2.15 8.54
CA ILE A 327 -21.30 -1.74 9.67
C ILE A 327 -22.11 -2.94 10.12
N PRO A 328 -21.53 -3.81 10.97
CA PRO A 328 -22.09 -5.15 11.20
C PRO A 328 -23.50 -5.19 11.76
N LYS A 329 -23.87 -4.15 12.51
CA LYS A 329 -25.14 -4.15 13.21
C LYS A 329 -26.28 -3.78 12.28
N PHE A 330 -25.95 -3.32 11.07
CA PHE A 330 -26.93 -2.94 10.07
C PHE A 330 -27.22 -4.10 9.11
N ASN A 331 -28.43 -4.65 9.25
CA ASN A 331 -28.92 -5.76 8.44
C ASN A 331 -29.69 -5.26 7.22
N LEU A 332 -29.09 -5.43 6.02
CA LEU A 332 -29.70 -4.98 4.78
C LEU A 332 -30.92 -5.83 4.41
N PHE A 333 -31.06 -7.02 5.02
CA PHE A 333 -32.22 -7.87 4.79
C PHE A 333 -33.14 -7.89 6.02
N SER A 334 -33.12 -6.84 6.85
CA SER A 334 -34.06 -6.79 7.97
C SER A 334 -35.49 -6.82 7.45
N GLN A 335 -36.42 -7.25 8.32
CA GLN A 335 -37.84 -7.20 8.03
C GLN A 335 -38.29 -5.79 7.69
N GLU A 336 -37.67 -4.77 8.31
CA GLU A 336 -38.11 -3.40 8.13
C GLU A 336 -37.70 -2.84 6.77
N LEU A 337 -36.74 -3.46 6.08
CA LEU A 337 -36.30 -2.94 4.79
C LEU A 337 -36.88 -3.74 3.63
N ILE A 338 -37.09 -5.06 3.81
CA ILE A 338 -37.57 -5.92 2.76
C ILE A 338 -38.55 -6.93 3.34
N ASP A 339 -39.77 -6.98 2.80
CA ASP A 339 -40.78 -7.92 3.29
C ASP A 339 -40.29 -9.35 3.06
N ARG A 340 -40.65 -10.27 3.97
CA ARG A 340 -40.37 -11.69 3.83
C ARG A 340 -40.82 -12.18 2.46
N LYS A 341 -42.01 -11.75 2.02
CA LYS A 341 -42.60 -12.23 0.78
C LYS A 341 -41.67 -11.96 -0.39
N SER A 342 -41.10 -10.75 -0.44
CA SER A 342 -40.08 -10.39 -1.43
C SER A 342 -38.90 -11.34 -1.42
N LYS A 343 -38.42 -11.69 -0.20
CA LYS A 343 -37.20 -12.49 -0.06
C LYS A 343 -37.50 -13.93 -0.46
N GLU A 344 -38.68 -14.43 -0.09
CA GLU A 344 -39.08 -15.75 -0.50
C GLU A 344 -39.27 -15.78 -2.02
N PHE A 345 -39.87 -14.73 -2.61
CA PHE A 345 -40.02 -14.69 -4.05
C PHE A 345 -38.66 -14.76 -4.73
N LEU A 346 -37.66 -14.04 -4.22
CA LEU A 346 -36.35 -14.06 -4.85
C LEU A 346 -35.64 -15.40 -4.67
N SER A 347 -35.91 -16.12 -3.58
CA SER A 347 -35.30 -17.42 -3.36
C SER A 347 -35.83 -18.45 -4.34
N LYS A 348 -37.16 -18.47 -4.51
CA LYS A 348 -37.76 -19.36 -5.47
C LYS A 348 -37.16 -19.11 -6.85
N LYS A 349 -36.91 -17.86 -7.24
CA LYS A 349 -36.45 -17.55 -8.59
C LYS A 349 -34.98 -17.90 -8.76
N ILE A 350 -34.17 -17.73 -7.71
CA ILE A 350 -32.78 -18.15 -7.75
C ILE A 350 -32.68 -19.68 -7.76
N GLU A 351 -33.39 -20.34 -6.84
CA GLU A 351 -33.44 -21.80 -6.79
C GLU A 351 -33.76 -22.36 -8.17
N TYR A 352 -34.72 -21.72 -8.85
CA TYR A 352 -35.22 -22.19 -10.13
C TYR A 352 -34.14 -22.08 -11.20
N GLU A 353 -33.55 -20.89 -11.35
CA GLU A 353 -32.50 -20.70 -12.34
C GLU A 353 -31.39 -21.75 -12.14
N ARG A 354 -31.09 -22.02 -10.88
CA ARG A 354 -29.95 -22.84 -10.49
C ARG A 354 -30.15 -24.29 -10.90
N ASN A 355 -31.41 -24.77 -10.90
CA ASN A 355 -31.70 -26.18 -11.06
C ASN A 355 -32.23 -26.47 -12.46
N ASN A 356 -32.12 -25.47 -13.37
CA ASN A 356 -32.68 -25.62 -14.70
C ASN A 356 -31.77 -25.01 -15.76
N GLY A 357 -30.48 -24.86 -15.43
CA GLY A 357 -29.48 -24.44 -16.40
C GLY A 357 -29.41 -22.93 -16.63
N PHE A 358 -29.91 -22.13 -15.68
CA PHE A 358 -29.87 -20.69 -15.82
C PHE A 358 -30.44 -20.24 -17.17
N PRO A 359 -31.70 -20.61 -17.49
CA PRO A 359 -32.32 -20.13 -18.73
C PRO A 359 -32.33 -18.58 -18.85
N ILE A 360 -32.32 -17.85 -17.73
CA ILE A 360 -32.41 -16.40 -17.80
C ILE A 360 -31.12 -15.79 -18.34
N PHE A 361 -30.03 -16.55 -18.36
CA PHE A 361 -28.80 -16.09 -18.98
C PHE A 361 -28.90 -16.10 -20.51
N ASP A 362 -29.95 -16.71 -21.07
CA ASP A 362 -30.10 -16.80 -22.51
C ASP A 362 -30.93 -15.64 -23.04
N LYS A 363 -31.58 -14.88 -22.15
CA LYS A 363 -32.64 -13.98 -22.55
C LYS A 363 -32.09 -12.71 -23.19
N LEU A 364 -32.93 -12.14 -24.09
CA LEU A 364 -32.64 -10.96 -24.90
C LEU A 364 -31.31 -11.14 -25.66
N LYS B 6 18.42 -25.97 18.43
CA LYS B 6 19.69 -25.96 17.65
C LYS B 6 19.88 -24.53 17.10
N LEU B 7 19.26 -24.28 15.94
CA LEU B 7 19.23 -22.95 15.39
C LEU B 7 18.23 -22.08 16.17
N LYS B 8 17.19 -22.69 16.77
CA LYS B 8 16.25 -21.97 17.61
C LYS B 8 17.01 -21.37 18.80
N LYS B 9 17.94 -22.15 19.36
CA LYS B 9 18.71 -21.72 20.52
C LYS B 9 19.66 -20.59 20.16
N VAL B 10 20.16 -20.58 18.92
CA VAL B 10 21.03 -19.51 18.48
C VAL B 10 20.23 -18.21 18.36
N LEU B 11 19.03 -18.29 17.76
CA LEU B 11 18.13 -17.14 17.65
C LEU B 11 17.76 -16.61 19.04
N ASP B 12 17.62 -17.51 20.02
CA ASP B 12 17.36 -17.12 21.39
C ASP B 12 18.50 -16.26 21.94
N LYS B 13 19.74 -16.67 21.66
CA LYS B 13 20.90 -15.87 22.04
C LYS B 13 20.87 -14.52 21.33
N LEU B 14 20.53 -14.49 20.03
CA LEU B 14 20.60 -13.27 19.25
C LEU B 14 19.47 -12.29 19.58
N ARG B 15 18.39 -12.78 20.17
CA ARG B 15 17.24 -11.95 20.43
C ARG B 15 17.61 -10.80 21.37
N LEU B 16 17.19 -9.59 20.97
CA LEU B 16 17.40 -8.38 21.76
C LEU B 16 16.49 -8.43 22.99
N LYS B 17 16.98 -7.88 24.11
CA LYS B 17 16.16 -7.78 25.31
C LYS B 17 15.37 -6.48 25.26
N ARG B 18 14.11 -6.57 25.71
CA ARG B 18 13.20 -5.43 25.78
C ARG B 18 13.81 -4.30 26.62
N LYS B 19 14.33 -4.66 27.78
CA LYS B 19 14.99 -3.70 28.66
C LYS B 19 16.07 -2.92 27.89
N ASP B 20 16.95 -3.63 27.18
CA ASP B 20 18.07 -3.01 26.49
C ASP B 20 17.58 -2.11 25.35
N ILE B 21 16.49 -2.52 24.68
CA ILE B 21 15.91 -1.76 23.58
C ILE B 21 15.48 -0.38 24.07
N SER B 22 14.74 -0.37 25.20
CA SER B 22 14.24 0.83 25.83
C SER B 22 15.36 1.82 26.13
N GLU B 23 16.33 1.36 26.92
CA GLU B 23 17.43 2.19 27.40
C GLU B 23 18.23 2.77 26.23
N ALA B 24 18.52 1.95 25.21
CA ALA B 24 19.33 2.41 24.10
C ALA B 24 18.55 3.43 23.31
N ALA B 25 17.24 3.18 23.08
CA ALA B 25 16.44 4.04 22.22
C ALA B 25 16.17 5.42 22.86
N GLU B 26 16.02 5.47 24.18
CA GLU B 26 15.70 6.77 24.75
C GLU B 26 16.93 7.67 24.61
N THR B 27 18.13 7.11 24.81
CA THR B 27 19.37 7.87 24.65
C THR B 27 19.60 8.23 23.18
N VAL B 28 19.43 7.25 22.28
CA VAL B 28 19.67 7.49 20.87
C VAL B 28 18.73 8.60 20.40
N ASN B 29 17.48 8.57 20.87
CA ASN B 29 16.49 9.49 20.35
C ASN B 29 16.79 10.89 20.84
N LYS B 30 17.24 11.04 22.10
CA LYS B 30 17.60 12.35 22.63
C LYS B 30 18.65 13.03 21.74
N VAL B 31 19.72 12.28 21.42
CA VAL B 31 20.83 12.82 20.65
C VAL B 31 20.35 13.20 19.25
N VAL B 32 19.64 12.28 18.59
CA VAL B 32 19.22 12.42 17.21
C VAL B 32 18.29 13.62 17.04
N GLU B 33 17.33 13.74 17.96
CA GLU B 33 16.37 14.84 17.96
C GLU B 33 17.12 16.17 18.07
N ARG B 34 18.09 16.22 18.97
CA ARG B 34 18.85 17.44 19.18
C ARG B 34 19.66 17.78 17.93
N LEU B 35 20.28 16.77 17.31
CA LEU B 35 21.03 17.03 16.10
C LEU B 35 20.09 17.52 15.01
N LEU B 36 18.87 16.95 14.97
CA LEU B 36 17.93 17.27 13.91
C LEU B 36 17.40 18.68 14.10
N ARG B 37 17.12 19.09 15.35
CA ARG B 37 16.66 20.44 15.63
C ARG B 37 17.73 21.45 15.17
N ARG B 38 19.00 21.20 15.49
CA ARG B 38 20.07 22.13 15.15
C ARG B 38 20.19 22.32 13.64
N MET B 39 19.96 21.26 12.88
CA MET B 39 20.08 21.33 11.42
C MET B 39 19.01 22.26 10.84
N GLN B 40 17.91 22.51 11.56
CA GLN B 40 16.78 23.22 11.00
C GLN B 40 16.55 24.55 11.67
N LYS B 41 16.39 24.52 13.00
CA LYS B 41 16.17 25.75 13.76
C LYS B 41 17.49 26.51 13.85
N ARG B 42 18.28 26.42 12.76
CA ARG B 42 19.29 27.40 12.42
C ARG B 42 19.21 27.66 10.92
N GLU B 43 19.69 28.82 10.45
CA GLU B 43 19.76 29.09 9.01
C GLU B 43 21.00 28.38 8.42
N SER B 44 21.12 27.09 8.73
CA SER B 44 22.11 26.21 8.16
C SER B 44 21.65 25.80 6.76
N GLU B 45 22.59 25.20 6.01
CA GLU B 45 22.38 24.84 4.62
C GLU B 45 21.45 23.64 4.52
N PHE B 46 21.30 22.96 5.64
CA PHE B 46 20.54 21.73 5.70
C PHE B 46 19.19 21.93 6.36
N LYS B 47 18.72 23.19 6.44
CA LYS B 47 17.36 23.42 6.87
C LYS B 47 16.44 22.67 5.92
N GLY B 48 15.44 21.98 6.46
CA GLY B 48 14.56 21.13 5.66
C GLY B 48 14.84 19.63 5.81
N VAL B 49 16.01 19.23 6.32
CA VAL B 49 16.30 17.80 6.42
C VAL B 49 15.21 17.15 7.27
N GLU B 50 14.85 15.91 6.90
CA GLU B 50 13.95 15.11 7.72
C GLU B 50 14.63 13.78 8.05
N GLN B 51 14.18 13.16 9.13
CA GLN B 51 14.77 11.94 9.65
C GLN B 51 14.13 10.74 8.96
N LEU B 52 14.95 9.79 8.55
CA LEU B 52 14.49 8.52 8.01
C LEU B 52 15.25 7.39 8.69
N ASN B 53 14.56 6.64 9.54
CA ASN B 53 15.19 5.54 10.26
C ASN B 53 15.31 4.33 9.36
N THR B 54 16.54 3.77 9.29
CA THR B 54 16.86 2.72 8.35
C THR B 54 17.81 1.68 8.95
N GLY B 55 18.04 0.62 8.18
CA GLY B 55 18.94 -0.45 8.58
C GLY B 55 18.30 -1.37 9.63
N SER B 56 19.15 -2.21 10.23
CA SER B 56 18.69 -3.45 10.83
C SER B 56 17.82 -3.19 12.05
N TYR B 57 18.13 -2.19 12.89
CA TYR B 57 17.33 -2.03 14.09
C TYR B 57 15.90 -1.65 13.71
N TYR B 58 15.72 -0.82 12.70
CA TYR B 58 14.40 -0.36 12.29
C TYR B 58 13.72 -1.38 11.39
N GLU B 59 14.46 -2.36 10.86
CA GLU B 59 13.90 -3.49 10.13
C GLU B 59 13.62 -4.70 11.03
N HIS B 60 13.96 -4.60 12.32
CA HIS B 60 13.77 -5.70 13.26
C HIS B 60 14.61 -6.93 12.87
N VAL B 61 15.80 -6.74 12.29
CA VAL B 61 16.77 -7.82 12.11
C VAL B 61 18.11 -7.51 12.79
N LYS B 62 18.14 -6.58 13.74
CA LYS B 62 19.33 -6.37 14.54
C LYS B 62 19.51 -7.57 15.45
N ILE B 63 20.75 -8.07 15.54
CA ILE B 63 21.03 -9.22 16.40
C ILE B 63 21.91 -8.84 17.58
N SER B 64 21.84 -9.66 18.65
CA SER B 64 22.80 -9.65 19.75
C SER B 64 22.54 -8.54 20.78
N ALA B 65 22.55 -7.28 20.33
CA ALA B 65 22.39 -6.14 21.20
C ALA B 65 21.97 -4.95 20.36
N PRO B 66 21.27 -3.94 20.94
CA PRO B 66 20.91 -2.72 20.21
C PRO B 66 22.00 -1.67 20.30
N ASN B 67 23.06 -1.88 19.53
CA ASN B 67 24.27 -1.13 19.73
C ASN B 67 24.69 -0.44 18.43
N GLU B 68 23.84 -0.50 17.40
CA GLU B 68 24.18 0.16 16.14
C GLU B 68 22.87 0.59 15.44
N PHE B 69 22.75 1.92 15.23
CA PHE B 69 21.57 2.56 14.66
C PHE B 69 21.93 3.38 13.42
N ASP B 70 21.13 3.30 12.37
CA ASP B 70 21.41 4.06 11.17
C ASP B 70 20.27 5.03 10.89
N VAL B 71 20.59 6.33 10.80
CA VAL B 71 19.58 7.33 10.55
C VAL B 71 19.98 8.16 9.35
N MET B 72 19.08 8.27 8.37
CA MET B 72 19.29 9.16 7.25
C MET B 72 18.70 10.52 7.63
N PHE B 73 19.47 11.59 7.44
CA PHE B 73 18.92 12.93 7.35
C PHE B 73 18.80 13.29 5.89
N LYS B 74 17.58 13.24 5.36
CA LYS B 74 17.34 13.39 3.94
C LYS B 74 16.94 14.83 3.63
N LEU B 75 17.47 15.36 2.53
CA LEU B 75 17.20 16.73 2.14
C LEU B 75 16.64 16.74 0.73
N GLU B 76 15.36 17.17 0.63
CA GLU B 76 14.66 17.40 -0.62
C GLU B 76 15.44 18.42 -1.43
N VAL B 77 15.73 18.15 -2.71
CA VAL B 77 16.34 19.18 -3.53
C VAL B 77 15.95 19.01 -5.00
N PRO B 78 15.46 20.08 -5.65
CA PRO B 78 14.86 19.98 -6.98
C PRO B 78 15.87 19.97 -8.13
N ARG B 79 15.36 19.88 -9.36
CA ARG B 79 16.19 19.76 -10.56
C ARG B 79 17.07 18.51 -10.43
N ILE B 80 18.35 18.72 -10.09
CA ILE B 80 19.31 17.65 -9.94
C ILE B 80 19.42 16.91 -11.27
N GLU B 81 20.31 17.38 -12.15
CA GLU B 81 20.70 16.55 -13.28
C GLU B 81 21.76 15.57 -12.76
N LEU B 82 21.65 14.32 -13.21
CA LEU B 82 22.50 13.24 -12.75
C LEU B 82 23.35 12.75 -13.90
N GLN B 83 24.62 12.48 -13.62
CA GLN B 83 25.53 12.00 -14.63
C GLN B 83 26.23 10.76 -14.09
N GLU B 84 26.01 9.64 -14.78
CA GLU B 84 26.47 8.34 -14.34
C GLU B 84 28.00 8.35 -14.34
N TYR B 85 28.61 7.89 -13.26
CA TYR B 85 30.05 7.93 -13.10
C TYR B 85 30.65 6.60 -13.56
N TYR B 86 31.25 6.60 -14.76
CA TYR B 86 32.00 5.47 -15.27
C TYR B 86 31.18 4.17 -15.31
N GLU B 87 29.87 4.26 -15.61
CA GLU B 87 29.02 3.10 -15.85
C GLU B 87 29.06 2.08 -14.71
N THR B 88 29.39 2.56 -13.50
CA THR B 88 29.33 1.78 -12.26
C THR B 88 27.87 1.41 -11.93
N GLY B 89 26.95 2.30 -12.28
CA GLY B 89 25.53 2.09 -12.07
C GLY B 89 25.05 2.75 -10.80
N ALA B 90 25.93 2.79 -9.79
CA ALA B 90 25.57 3.19 -8.43
C ALA B 90 26.16 4.55 -8.06
N PHE B 91 27.12 5.05 -8.84
CA PHE B 91 27.83 6.28 -8.53
C PHE B 91 27.50 7.34 -9.58
N TYR B 92 27.29 8.56 -9.08
CA TYR B 92 26.88 9.69 -9.91
C TYR B 92 27.52 11.00 -9.44
N LEU B 93 27.65 11.94 -10.38
CA LEU B 93 27.88 13.35 -10.12
C LEU B 93 26.53 14.09 -10.20
N VAL B 94 26.35 15.11 -9.36
CA VAL B 94 25.07 15.82 -9.20
C VAL B 94 25.24 17.25 -9.68
N LYS B 95 24.20 17.85 -10.29
CA LYS B 95 24.30 19.21 -10.81
C LYS B 95 23.07 20.07 -10.51
N PHE B 96 23.28 21.38 -10.51
CA PHE B 96 22.31 22.40 -10.12
C PHE B 96 20.93 22.11 -10.73
N ASN B 103 20.09 30.06 -3.32
CA ASN B 103 19.83 28.63 -2.95
C ASN B 103 20.85 28.20 -1.89
N PRO B 104 20.44 27.41 -0.86
CA PRO B 104 21.30 27.17 0.31
C PRO B 104 22.68 26.58 -0.01
N LEU B 105 22.72 25.69 -1.02
CA LEU B 105 23.81 24.76 -1.26
C LEU B 105 24.90 25.36 -2.14
N SER B 106 24.84 26.67 -2.45
CA SER B 106 25.83 27.38 -3.23
C SER B 106 27.24 27.06 -2.74
N HIS B 107 27.36 26.88 -1.42
CA HIS B 107 28.64 26.82 -0.73
C HIS B 107 29.41 25.56 -1.14
N PHE B 108 28.72 24.60 -1.79
CA PHE B 108 29.27 23.28 -2.01
C PHE B 108 29.51 22.89 -3.47
N LEU B 109 29.85 23.83 -4.37
CA LEU B 109 30.23 23.44 -5.73
C LEU B 109 31.64 23.93 -6.10
N GLY B 111 31.67 23.72 -10.51
CA GLY B 111 30.79 23.63 -11.70
C GLY B 111 29.37 24.04 -11.36
N VAL B 113 28.79 21.40 -10.07
CA VAL B 113 28.83 20.04 -9.46
C VAL B 113 28.74 20.15 -7.94
N LEU B 114 27.74 19.47 -7.38
CA LEU B 114 27.58 19.40 -5.94
C LEU B 114 28.56 18.37 -5.35
N SER B 115 29.63 18.91 -4.74
CA SER B 115 30.65 18.12 -4.06
C SER B 115 30.09 17.42 -2.82
N ALA B 116 30.04 16.09 -2.90
CA ALA B 116 29.79 15.25 -1.75
C ALA B 116 30.69 15.64 -0.57
N THR B 117 32.01 15.72 -0.76
CA THR B 117 32.93 15.92 0.36
C THR B 117 32.69 17.26 1.05
N LYS B 118 32.49 18.32 0.25
CA LYS B 118 32.32 19.65 0.82
C LYS B 118 31.04 19.68 1.64
N MET B 119 29.99 19.06 1.10
CA MET B 119 28.70 19.10 1.77
C MET B 119 28.78 18.26 3.04
N LEU B 120 29.31 17.04 2.91
CA LEU B 120 29.47 16.17 4.07
C LEU B 120 30.37 16.85 5.10
N SER B 121 31.39 17.60 4.66
CA SER B 121 32.29 18.24 5.61
C SER B 121 31.54 19.24 6.49
N LYS B 122 30.62 20.01 5.90
CA LYS B 122 29.89 21.00 6.68
C LYS B 122 28.89 20.30 7.61
N PHE B 123 28.15 19.34 7.07
CA PHE B 123 27.26 18.51 7.86
C PHE B 123 27.99 17.99 9.10
N ARG B 124 29.20 17.49 8.88
CA ARG B 124 30.01 16.90 9.93
C ARG B 124 30.39 17.95 10.96
N LYS B 125 30.83 19.12 10.47
CA LYS B 125 31.26 20.22 11.32
C LYS B 125 30.11 20.61 12.23
N ILE B 126 28.93 20.78 11.65
CA ILE B 126 27.75 21.15 12.42
C ILE B 126 27.55 20.11 13.52
N ILE B 127 27.54 18.84 13.13
CA ILE B 127 27.26 17.78 14.09
C ILE B 127 28.26 17.81 15.24
N LYS B 128 29.55 17.98 14.93
CA LYS B 128 30.59 17.94 15.95
C LYS B 128 30.34 19.03 16.98
N GLU B 129 29.92 20.21 16.50
CA GLU B 129 29.68 21.36 17.35
C GLU B 129 28.52 21.07 18.30
N GLU B 130 27.42 20.53 17.78
CA GLU B 130 26.28 20.29 18.63
C GLU B 130 26.62 19.24 19.70
N VAL B 131 27.49 18.28 19.34
CA VAL B 131 27.86 17.20 20.24
C VAL B 131 28.71 17.73 21.40
N LYS B 132 29.58 18.71 21.13
CA LYS B 132 30.33 19.38 22.18
C LYS B 132 29.39 20.04 23.19
N GLU B 133 28.21 20.48 22.73
CA GLU B 133 27.27 21.23 23.56
C GLU B 133 26.41 20.28 24.40
N ILE B 134 26.54 18.96 24.21
CA ILE B 134 25.74 18.01 24.95
C ILE B 134 26.46 17.63 26.22
N LYS B 135 25.85 17.95 27.37
CA LYS B 135 26.43 17.70 28.68
C LYS B 135 25.73 16.54 29.42
N ASP B 136 24.54 16.11 28.98
CA ASP B 136 23.76 15.17 29.78
C ASP B 136 23.99 13.73 29.35
N ILE B 137 24.81 13.50 28.31
CA ILE B 137 25.07 12.16 27.81
C ILE B 137 26.54 12.08 27.42
N ASP B 138 27.11 10.87 27.56
CA ASP B 138 28.49 10.60 27.20
C ASP B 138 28.56 10.19 25.72
N VAL B 139 28.90 11.15 24.85
CA VAL B 139 28.74 11.00 23.41
C VAL B 139 29.83 11.79 22.70
N SER B 140 30.66 11.11 21.90
CA SER B 140 31.66 11.73 21.04
C SER B 140 31.42 11.42 19.56
N VAL B 141 32.19 12.06 18.70
CA VAL B 141 32.16 11.81 17.28
C VAL B 141 33.42 11.04 16.91
N GLU B 142 33.22 9.91 16.23
CA GLU B 142 34.28 9.00 15.85
C GLU B 142 35.12 9.67 14.78
N LYS B 143 36.44 9.42 14.79
CA LYS B 143 37.34 9.87 13.74
C LYS B 143 36.79 9.45 12.37
N GLU B 144 36.98 10.31 11.38
CA GLU B 144 36.37 10.13 10.06
C GLU B 144 37.08 8.99 9.33
N LYS B 145 36.28 8.06 8.78
CA LYS B 145 36.68 7.15 7.72
C LYS B 145 36.65 7.90 6.38
N PRO B 146 37.79 8.00 5.65
CA PRO B 146 37.80 8.53 4.29
C PRO B 146 36.80 7.82 3.38
N GLY B 147 36.20 8.63 2.49
CA GLY B 147 35.19 8.18 1.55
C GLY B 147 33.86 7.74 2.18
N SER B 148 33.69 7.77 3.52
CA SER B 148 32.50 7.19 4.16
C SER B 148 31.36 8.20 4.19
N PRO B 149 30.11 7.77 3.91
CA PRO B 149 28.98 8.69 3.93
C PRO B 149 28.48 9.03 5.32
N ALA B 150 29.02 8.37 6.34
CA ALA B 150 28.48 8.46 7.69
C ALA B 150 29.25 9.45 8.55
N VAL B 151 28.51 10.16 9.40
CA VAL B 151 29.08 10.75 10.60
C VAL B 151 28.67 9.84 11.74
N THR B 152 29.63 9.27 12.46
CA THR B 152 29.33 8.20 13.39
C THR B 152 29.53 8.67 14.82
N LEU B 153 28.48 8.48 15.63
CA LEU B 153 28.48 8.90 17.02
C LEU B 153 28.72 7.68 17.88
N LEU B 154 29.55 7.85 18.92
CA LEU B 154 29.79 6.80 19.87
C LEU B 154 29.20 7.23 21.22
N ILE B 155 28.17 6.51 21.68
CA ILE B 155 27.53 6.76 22.97
C ILE B 155 27.97 5.69 23.97
N ARG B 156 27.98 6.02 25.26
CA ARG B 156 28.29 5.06 26.32
C ARG B 156 27.15 4.94 27.33
N ASN B 157 27.44 4.35 28.50
CA ASN B 157 26.61 4.52 29.69
C ASN B 157 26.09 3.16 30.14
N PRO B 158 24.91 2.68 29.66
CA PRO B 158 24.62 1.25 29.78
C PRO B 158 25.70 0.46 29.03
N GLU B 159 26.06 0.93 27.83
CA GLU B 159 26.74 0.10 26.84
C GLU B 159 27.39 1.02 25.81
N GLU B 160 28.33 0.47 25.02
CA GLU B 160 28.77 1.11 23.78
C GLU B 160 27.65 1.03 22.74
N ILE B 161 27.29 2.19 22.16
CA ILE B 161 26.27 2.29 21.11
C ILE B 161 26.78 3.19 19.99
N SER B 162 26.73 2.73 18.74
CA SER B 162 27.15 3.57 17.63
C SER B 162 25.94 4.05 16.86
N VAL B 163 25.95 5.33 16.44
CA VAL B 163 24.88 5.89 15.63
C VAL B 163 25.48 6.50 14.37
N ASN B 164 25.07 5.98 13.20
CA ASN B 164 25.52 6.51 11.93
C ASN B 164 24.50 7.52 11.41
N ILE B 165 24.93 8.78 11.31
CA ILE B 165 24.10 9.83 10.75
C ILE B 165 24.49 9.99 9.28
N ILE B 166 23.59 9.58 8.38
CA ILE B 166 23.86 9.57 6.96
C ILE B 166 23.12 10.71 6.27
N LEU B 167 23.88 11.68 5.75
CA LEU B 167 23.31 12.70 4.87
C LEU B 167 22.77 12.04 3.60
N ALA B 168 21.64 12.53 3.11
CA ALA B 168 21.06 11.99 1.90
C ALA B 168 20.34 13.08 1.10
N LEU B 169 20.65 13.17 -0.19
CA LEU B 169 19.84 13.92 -1.13
C LEU B 169 18.58 13.12 -1.47
N GLU B 170 17.42 13.79 -1.48
CA GLU B 170 16.16 13.19 -1.88
C GLU B 170 15.74 13.79 -3.22
N SER B 171 15.59 12.95 -4.24
CA SER B 171 15.08 13.38 -5.54
C SER B 171 13.74 12.70 -5.82
N LYS B 172 12.82 13.44 -6.42
CA LYS B 172 11.48 12.94 -6.68
C LYS B 172 11.30 12.55 -8.15
N GLY B 173 12.34 12.69 -8.97
CA GLY B 173 12.26 12.27 -10.36
C GLY B 173 12.12 10.76 -10.47
N SER B 174 11.96 10.26 -11.70
CA SER B 174 11.96 8.81 -11.88
C SER B 174 13.37 8.30 -11.63
N TRP B 175 13.46 7.07 -11.16
CA TRP B 175 14.72 6.48 -10.75
C TRP B 175 15.68 6.45 -11.95
N PRO B 176 17.00 6.49 -11.73
CA PRO B 176 17.94 6.41 -12.84
C PRO B 176 17.83 5.10 -13.60
N ILE B 177 18.06 5.22 -14.91
CA ILE B 177 18.07 4.17 -15.92
C ILE B 177 18.72 2.89 -15.41
N SER B 178 19.81 3.01 -14.68
CA SER B 178 20.53 1.82 -14.23
C SER B 178 19.65 0.93 -13.35
N THR B 179 18.56 1.49 -12.79
CA THR B 179 17.71 0.69 -11.94
C THR B 179 16.53 0.11 -12.70
N LYS B 180 16.41 0.35 -14.01
CA LYS B 180 15.17 -0.05 -14.67
C LYS B 180 14.88 -1.54 -14.47
N GLU B 181 15.90 -2.41 -14.60
CA GLU B 181 15.70 -3.85 -14.58
C GLU B 181 15.98 -4.41 -13.18
N GLY B 182 16.16 -3.53 -12.20
CA GLY B 182 16.37 -3.96 -10.83
C GLY B 182 15.05 -4.23 -10.11
N LEU B 183 15.13 -4.50 -8.81
CA LEU B 183 13.96 -4.70 -7.96
C LEU B 183 12.99 -5.69 -8.59
N PRO B 184 13.48 -6.91 -8.90
CA PRO B 184 12.71 -7.87 -9.69
C PRO B 184 11.71 -8.66 -8.87
N ILE B 185 10.72 -7.95 -8.30
CA ILE B 185 9.79 -8.47 -7.30
C ILE B 185 8.46 -8.88 -7.93
N GLN B 186 8.36 -8.85 -9.27
CA GLN B 186 7.10 -9.03 -9.98
C GLN B 186 6.38 -10.35 -9.63
N GLY B 187 7.14 -11.44 -9.48
CA GLY B 187 6.58 -12.74 -9.20
C GLY B 187 6.41 -12.99 -7.71
N TRP B 188 6.82 -12.03 -6.88
CA TRP B 188 6.90 -12.23 -5.43
C TRP B 188 6.00 -11.25 -4.68
N LEU B 189 6.33 -9.95 -4.73
CA LEU B 189 5.49 -8.91 -4.15
C LEU B 189 4.57 -8.27 -5.21
N GLY B 190 4.94 -8.35 -6.49
CA GLY B 190 4.02 -8.03 -7.55
C GLY B 190 4.30 -6.70 -8.25
N THR B 191 3.61 -6.49 -9.37
CA THR B 191 3.75 -5.29 -10.17
C THR B 191 3.20 -4.04 -9.50
N LYS B 192 2.09 -4.16 -8.77
CA LYS B 192 1.53 -2.96 -8.14
C LYS B 192 2.52 -2.47 -7.07
N VAL B 193 3.05 -3.37 -6.24
CA VAL B 193 4.02 -3.00 -5.22
C VAL B 193 5.24 -2.34 -5.87
N ARG B 194 5.77 -2.94 -6.95
CA ARG B 194 6.96 -2.42 -7.62
C ARG B 194 6.70 -1.05 -8.24
N THR B 195 5.54 -0.89 -8.89
CA THR B 195 5.26 0.40 -9.49
C THR B 195 5.21 1.49 -8.41
N ASN B 196 4.57 1.17 -7.28
CA ASN B 196 4.40 2.15 -6.22
C ASN B 196 5.74 2.42 -5.54
N LEU B 197 6.55 1.39 -5.33
CA LEU B 197 7.83 1.61 -4.67
C LEU B 197 8.64 2.59 -5.52
N ARG B 198 8.53 2.47 -6.86
CA ARG B 198 9.36 3.20 -7.79
C ARG B 198 8.80 4.61 -8.03
N ARG B 199 7.62 4.88 -7.47
CA ARG B 199 7.04 6.20 -7.39
C ARG B 199 7.53 6.97 -6.17
N GLU B 200 8.05 6.28 -5.18
CA GLU B 200 8.75 6.92 -4.07
C GLU B 200 9.99 7.63 -4.60
N PRO B 201 10.55 8.59 -3.84
CA PRO B 201 11.81 9.22 -4.23
C PRO B 201 13.00 8.25 -4.18
N PHE B 202 14.14 8.69 -4.76
CA PHE B 202 15.39 7.95 -4.63
C PHE B 202 16.39 8.84 -3.88
N TYR B 203 17.44 8.18 -3.36
CA TYR B 203 18.34 8.84 -2.44
C TYR B 203 19.77 8.67 -2.90
N LEU B 204 20.55 9.69 -2.55
CA LEU B 204 21.95 9.77 -2.92
C LEU B 204 22.72 10.10 -1.65
N VAL B 205 23.74 9.28 -1.40
CA VAL B 205 24.51 9.34 -0.18
C VAL B 205 25.96 9.63 -0.56
N PRO B 206 26.71 10.44 0.23
CA PRO B 206 28.05 10.84 -0.14
C PRO B 206 29.09 9.78 0.14
N LYS B 207 29.17 8.73 -0.71
CA LYS B 207 30.11 7.64 -0.43
C LYS B 207 31.42 7.94 -1.14
N ASN B 208 31.38 8.25 -2.43
CA ASN B 208 32.64 8.55 -3.11
C ASN B 208 33.32 7.24 -3.52
N ALA B 209 33.89 7.24 -4.73
CA ALA B 209 34.58 6.08 -5.29
C ALA B 209 35.94 5.86 -4.60
N PHE B 215 36.95 12.08 -10.29
CA PHE B 215 36.11 13.02 -9.48
C PHE B 215 35.62 12.30 -8.21
N GLN B 216 36.50 11.57 -7.52
CA GLN B 216 36.11 10.69 -6.42
C GLN B 216 35.45 11.49 -5.28
N GLY B 217 35.84 12.75 -5.04
CA GLY B 217 35.36 13.51 -3.91
C GLY B 217 33.99 14.15 -4.13
N GLU B 218 33.54 14.18 -5.40
CA GLU B 218 32.25 14.79 -5.74
C GLU B 218 31.18 13.71 -5.99
N THR B 219 31.59 12.45 -5.86
CA THR B 219 30.80 11.29 -6.22
C THR B 219 29.73 10.99 -5.15
N TRP B 220 28.51 10.64 -5.56
CA TRP B 220 27.50 10.15 -4.64
C TRP B 220 27.07 8.74 -5.03
N ARG B 221 26.48 8.02 -4.07
CA ARG B 221 26.02 6.64 -4.25
C ARG B 221 24.51 6.56 -3.98
N LEU B 222 23.78 5.78 -4.79
CA LEU B 222 22.35 5.59 -4.59
C LEU B 222 22.10 4.81 -3.30
N SER B 223 21.01 5.17 -2.62
CA SER B 223 20.53 4.44 -1.48
C SER B 223 19.08 4.05 -1.71
N PHE B 224 18.77 2.81 -1.30
CA PHE B 224 17.44 2.23 -1.41
C PHE B 224 17.01 1.71 -0.03
N SER B 225 17.62 2.27 1.02
CA SER B 225 17.37 1.89 2.39
C SER B 225 15.89 1.95 2.72
N HIS B 226 15.19 2.94 2.15
CA HIS B 226 13.77 3.09 2.38
C HIS B 226 13.01 1.93 1.75
N THR B 227 13.39 1.56 0.52
CA THR B 227 12.73 0.47 -0.19
C THR B 227 13.01 -0.87 0.49
N GLU B 228 14.24 -1.04 0.98
CA GLU B 228 14.60 -2.26 1.67
C GLU B 228 13.78 -2.43 2.96
N LYS B 229 13.54 -1.35 3.69
CA LYS B 229 12.77 -1.35 4.92
C LYS B 229 11.34 -1.80 4.63
N TYR B 230 10.74 -1.23 3.58
CA TYR B 230 9.41 -1.65 3.18
C TYR B 230 9.40 -3.15 2.88
N ILE B 231 10.41 -3.65 2.15
CA ILE B 231 10.46 -5.07 1.81
C ILE B 231 10.60 -5.94 3.05
N LEU B 232 11.48 -5.56 3.98
CA LEU B 232 11.65 -6.35 5.19
C LEU B 232 10.35 -6.45 5.97
N ASN B 233 9.52 -5.40 5.95
CA ASN B 233 8.30 -5.39 6.74
C ASN B 233 7.09 -5.80 5.91
N ASN B 234 7.28 -6.10 4.62
CA ASN B 234 6.23 -6.51 3.72
C ASN B 234 6.79 -7.59 2.78
N HIS B 235 7.25 -8.69 3.36
CA HIS B 235 8.17 -9.60 2.70
C HIS B 235 7.48 -10.83 2.13
N GLY B 236 6.16 -10.99 2.33
CA GLY B 236 5.47 -12.21 1.98
C GLY B 236 4.76 -12.13 0.64
N ILE B 237 4.47 -13.26 0.02
CA ILE B 237 3.61 -13.24 -1.14
C ILE B 237 2.15 -13.13 -0.68
N GLU B 238 1.81 -13.72 0.47
CA GLU B 238 0.54 -13.45 1.13
C GLU B 238 0.65 -12.18 1.97
N LYS B 239 -0.44 -11.42 1.99
CA LYS B 239 -0.51 -10.16 2.68
C LYS B 239 -0.44 -10.36 4.19
N THR B 240 -0.80 -11.55 4.66
CA THR B 240 -0.89 -11.82 6.08
C THR B 240 0.39 -12.46 6.62
N CYS B 241 1.40 -12.67 5.77
CA CYS B 241 2.63 -13.29 6.23
C CYS B 241 3.17 -12.53 7.45
N CYS B 242 3.29 -13.23 8.58
CA CYS B 242 3.98 -12.73 9.79
C CYS B 242 3.07 -11.75 10.54
N GLU B 243 1.76 -11.73 10.26
CA GLU B 243 0.79 -10.87 10.93
C GLU B 243 0.03 -11.69 11.96
N SER B 244 -0.76 -11.04 12.82
CA SER B 244 -1.47 -11.70 13.88
C SER B 244 -2.61 -12.63 13.39
N SER B 245 -3.13 -12.47 12.16
CA SER B 245 -4.09 -13.44 11.62
C SER B 245 -3.51 -14.18 10.43
N GLY B 246 -2.16 -14.18 10.29
CA GLY B 246 -1.45 -15.02 9.34
C GLY B 246 -0.50 -16.01 10.01
N ALA B 247 0.37 -16.64 9.20
CA ALA B 247 1.38 -17.54 9.73
C ALA B 247 2.77 -16.90 9.60
N LYS B 248 3.70 -17.32 10.47
CA LYS B 248 5.06 -16.80 10.57
C LYS B 248 6.06 -17.45 9.59
N CYS B 249 6.59 -16.72 8.60
CA CYS B 249 7.79 -17.04 7.83
C CYS B 249 8.98 -17.27 8.76
N CYS B 250 10.04 -17.88 8.24
CA CYS B 250 11.35 -17.78 8.87
C CYS B 250 12.35 -17.01 8.01
N ARG B 251 11.87 -16.19 7.09
CA ARG B 251 12.73 -15.36 6.27
C ARG B 251 13.66 -14.49 7.12
N LYS B 252 13.12 -13.80 8.14
CA LYS B 252 13.94 -12.88 8.91
C LYS B 252 14.95 -13.63 9.76
N GLU B 253 14.52 -14.78 10.26
CA GLU B 253 15.38 -15.60 11.11
C GLU B 253 16.59 -16.09 10.31
N CYS B 254 16.38 -16.48 9.04
CA CYS B 254 17.47 -16.85 8.17
C CYS B 254 18.39 -15.67 7.95
N LEU B 255 17.83 -14.49 7.74
CA LEU B 255 18.70 -13.33 7.58
C LEU B 255 19.54 -13.17 8.84
N LYS B 256 18.96 -13.35 10.03
CA LYS B 256 19.72 -13.17 11.26
C LYS B 256 20.83 -14.18 11.38
N LEU B 257 20.55 -15.45 11.03
CA LEU B 257 21.53 -16.50 11.19
C LEU B 257 22.69 -16.27 10.24
N MET B 258 22.39 -15.82 9.04
CA MET B 258 23.43 -15.59 8.05
C MET B 258 24.28 -14.37 8.46
N LYS B 259 23.64 -13.30 8.96
CA LYS B 259 24.37 -12.12 9.41
C LYS B 259 25.34 -12.48 10.53
N TYR B 260 24.86 -13.35 11.44
CA TYR B 260 25.62 -13.78 12.59
C TYR B 260 26.81 -14.65 12.18
N LEU B 261 26.62 -15.54 11.21
CA LEU B 261 27.73 -16.38 10.77
C LEU B 261 28.84 -15.51 10.20
N LEU B 262 28.48 -14.48 9.44
CA LEU B 262 29.48 -13.57 8.91
C LEU B 262 30.08 -12.72 10.03
N GLU B 263 29.28 -12.14 10.92
CA GLU B 263 29.84 -11.34 12.01
C GLU B 263 30.89 -12.15 12.80
N GLN B 264 30.56 -13.39 13.16
CA GLN B 264 31.45 -14.22 13.95
C GLN B 264 32.72 -14.48 13.15
N LEU B 265 32.58 -14.79 11.86
CA LEU B 265 33.75 -15.08 11.06
C LEU B 265 34.61 -13.83 10.93
N LYS B 266 33.94 -12.66 10.82
CA LYS B 266 34.64 -11.41 10.61
C LYS B 266 35.43 -11.01 11.84
N LYS B 267 34.91 -11.26 13.06
CA LYS B 267 35.65 -11.01 14.30
C LYS B 267 36.99 -11.74 14.33
N GLU B 268 37.02 -12.95 13.77
CA GLU B 268 38.15 -13.86 13.92
C GLU B 268 39.18 -13.64 12.81
N PHE B 269 38.71 -13.29 11.60
CA PHE B 269 39.58 -13.24 10.45
C PHE B 269 39.56 -11.85 9.82
N GLN B 270 40.72 -11.16 9.83
CA GLN B 270 40.92 -9.88 9.17
C GLN B 270 40.89 -10.04 7.64
N GLU B 271 41.09 -11.28 7.22
CA GLU B 271 41.06 -11.70 5.83
C GLU B 271 39.68 -11.38 5.22
N LEU B 272 38.66 -11.21 6.06
CA LEU B 272 37.31 -10.96 5.58
C LEU B 272 36.89 -9.50 5.73
N ASP B 273 37.85 -8.57 5.84
CA ASP B 273 37.53 -7.16 6.05
C ASP B 273 36.67 -6.60 4.91
N ALA B 274 36.80 -7.13 3.68
CA ALA B 274 36.09 -6.59 2.53
C ALA B 274 34.61 -6.99 2.54
N PHE B 275 34.22 -7.95 3.39
CA PHE B 275 32.84 -8.40 3.44
C PHE B 275 32.09 -7.58 4.47
N CYS B 276 30.78 -7.42 4.24
CA CYS B 276 29.92 -6.66 5.12
C CYS B 276 28.51 -7.24 5.09
N SER B 277 27.69 -6.84 6.06
CA SER B 277 26.36 -7.38 6.23
C SER B 277 25.48 -7.11 4.99
N TYR B 278 25.76 -6.02 4.25
CA TYR B 278 24.96 -5.71 3.07
C TYR B 278 25.09 -6.81 2.01
N HIS B 279 26.22 -7.53 1.99
CA HIS B 279 26.37 -8.63 1.05
C HIS B 279 25.32 -9.71 1.35
N VAL B 280 25.12 -10.00 2.64
CA VAL B 280 24.19 -11.01 3.05
C VAL B 280 22.76 -10.53 2.80
N LYS B 281 22.50 -9.22 3.02
CA LYS B 281 21.16 -8.68 2.80
C LYS B 281 20.78 -8.82 1.33
N THR B 282 21.72 -8.41 0.47
CA THR B 282 21.58 -8.52 -0.96
C THR B 282 21.33 -9.97 -1.37
N ALA B 283 22.12 -10.90 -0.85
CA ALA B 283 21.97 -12.29 -1.23
C ALA B 283 20.56 -12.79 -0.88
N ILE B 284 20.05 -12.43 0.30
CA ILE B 284 18.80 -13.00 0.76
C ILE B 284 17.65 -12.37 -0.01
N PHE B 285 17.83 -11.15 -0.53
CA PHE B 285 16.82 -10.56 -1.40
C PHE B 285 16.68 -11.39 -2.68
N HIS B 286 17.83 -11.82 -3.22
CA HIS B 286 17.86 -12.68 -4.38
C HIS B 286 17.17 -14.01 -4.08
N MET B 287 17.47 -14.63 -2.93
CA MET B 287 16.84 -15.90 -2.54
C MET B 287 15.34 -15.70 -2.38
N TRP B 288 14.94 -14.61 -1.73
CA TRP B 288 13.53 -14.40 -1.48
C TRP B 288 12.77 -14.26 -2.80
N THR B 289 13.48 -13.79 -3.84
CA THR B 289 12.92 -13.67 -5.18
C THR B 289 12.88 -15.04 -5.87
N GLN B 290 13.97 -15.80 -5.80
CA GLN B 290 14.03 -17.17 -6.31
C GLN B 290 12.90 -18.07 -5.75
N ASP B 291 12.62 -17.89 -4.44
CA ASP B 291 11.73 -18.75 -3.68
C ASP B 291 10.65 -17.86 -3.09
N PRO B 292 9.71 -17.38 -3.91
CA PRO B 292 8.73 -16.40 -3.45
C PRO B 292 7.69 -16.92 -2.46
N GLN B 293 7.38 -18.22 -2.49
CA GLN B 293 6.27 -18.76 -1.72
C GLN B 293 6.56 -18.67 -0.22
N ASP B 294 5.56 -18.28 0.58
CA ASP B 294 5.71 -18.22 2.02
C ASP B 294 5.97 -19.63 2.56
N SER B 295 5.50 -20.64 1.82
CA SER B 295 5.55 -22.00 2.30
C SER B 295 6.94 -22.57 2.04
N GLN B 296 7.76 -21.85 1.27
CA GLN B 296 9.17 -22.23 1.13
C GLN B 296 10.01 -21.63 2.25
N TRP B 297 9.37 -20.93 3.20
CA TRP B 297 10.01 -20.37 4.39
C TRP B 297 9.17 -20.68 5.64
N ASP B 298 8.66 -21.91 5.72
CA ASP B 298 7.99 -22.41 6.92
C ASP B 298 8.97 -22.47 8.08
N PRO B 299 8.60 -22.02 9.30
CA PRO B 299 9.44 -22.13 10.49
C PRO B 299 9.91 -23.54 10.82
N ARG B 300 9.15 -24.54 10.40
CA ARG B 300 9.51 -25.92 10.62
C ARG B 300 10.67 -26.32 9.71
N ASN B 301 10.91 -25.57 8.63
CA ASN B 301 12.00 -25.89 7.69
C ASN B 301 13.14 -24.90 7.84
N LEU B 302 13.39 -24.43 9.07
CA LEU B 302 14.40 -23.40 9.31
C LEU B 302 15.77 -23.92 8.87
N SER B 303 16.11 -25.18 9.18
CA SER B 303 17.40 -25.75 8.80
C SER B 303 17.60 -25.75 7.30
N SER B 304 16.66 -26.35 6.54
CA SER B 304 16.72 -26.37 5.09
C SER B 304 16.87 -24.96 4.54
N CYS B 305 16.03 -24.05 5.05
CA CYS B 305 16.00 -22.67 4.57
C CYS B 305 17.36 -21.99 4.78
N PHE B 306 17.94 -22.18 5.96
CA PHE B 306 19.24 -21.62 6.26
C PHE B 306 20.26 -22.25 5.30
N ASP B 307 20.13 -23.56 5.12
CA ASP B 307 21.10 -24.30 4.33
C ASP B 307 21.04 -23.87 2.86
N LYS B 308 19.84 -23.65 2.31
CA LYS B 308 19.76 -23.29 0.91
C LYS B 308 20.34 -21.87 0.75
N LEU B 309 20.21 -21.05 1.79
CA LEU B 309 20.78 -19.71 1.75
C LEU B 309 22.30 -19.78 1.74
N LEU B 310 22.86 -20.66 2.58
CA LEU B 310 24.30 -20.88 2.59
C LEU B 310 24.77 -21.29 1.21
N ALA B 311 24.04 -22.21 0.60
CA ALA B 311 24.46 -22.78 -0.68
C ALA B 311 24.48 -21.68 -1.74
N PHE B 312 23.44 -20.85 -1.72
CA PHE B 312 23.33 -19.74 -2.65
C PHE B 312 24.50 -18.77 -2.49
N PHE B 313 24.80 -18.41 -1.23
CA PHE B 313 25.87 -17.47 -0.97
C PHE B 313 27.17 -18.05 -1.49
N LEU B 314 27.36 -19.35 -1.28
CA LEU B 314 28.57 -20.01 -1.76
C LEU B 314 28.64 -19.98 -3.28
N GLU B 315 27.51 -20.16 -3.98
CA GLU B 315 27.45 -20.05 -5.43
C GLU B 315 27.87 -18.65 -5.85
N CYS B 316 27.36 -17.64 -5.14
CA CYS B 316 27.78 -16.27 -5.37
C CYS B 316 29.30 -16.13 -5.20
N LEU B 317 29.87 -16.73 -4.14
CA LEU B 317 31.31 -16.63 -3.95
C LEU B 317 32.05 -17.33 -5.08
N ARG B 318 31.63 -18.57 -5.43
CA ARG B 318 32.30 -19.41 -6.42
C ARG B 318 32.29 -18.76 -7.80
N THR B 319 31.16 -18.15 -8.17
CA THR B 319 31.03 -17.48 -9.46
C THR B 319 31.51 -16.04 -9.40
N GLU B 320 31.87 -15.53 -8.21
CA GLU B 320 32.28 -14.14 -8.07
C GLU B 320 31.19 -13.21 -8.62
N LYS B 321 29.94 -13.46 -8.21
CA LYS B 321 28.80 -12.74 -8.77
C LYS B 321 27.75 -12.56 -7.68
N LEU B 322 27.53 -11.29 -7.30
CA LEU B 322 26.44 -10.89 -6.45
C LEU B 322 25.97 -9.50 -6.85
N ASP B 323 24.90 -9.42 -7.63
CA ASP B 323 24.49 -8.13 -8.17
C ASP B 323 23.70 -7.35 -7.15
N HIS B 324 23.93 -6.04 -7.16
CA HIS B 324 23.10 -5.11 -6.42
C HIS B 324 21.64 -5.43 -6.79
N TYR B 325 20.76 -5.58 -5.79
CA TYR B 325 19.37 -5.99 -6.03
C TYR B 325 18.62 -4.94 -6.86
N PHE B 326 19.08 -3.68 -6.76
CA PHE B 326 18.40 -2.54 -7.36
C PHE B 326 19.12 -2.10 -8.64
N ILE B 327 20.38 -2.52 -8.79
CA ILE B 327 21.25 -2.04 -9.85
C ILE B 327 21.99 -3.25 -10.41
N PRO B 328 21.37 -3.98 -11.35
CA PRO B 328 21.85 -5.31 -11.71
C PRO B 328 23.23 -5.34 -12.35
N LYS B 329 23.67 -4.23 -12.95
CA LYS B 329 24.94 -4.23 -13.67
C LYS B 329 26.10 -4.12 -12.69
N PHE B 330 25.79 -3.80 -11.42
CA PHE B 330 26.79 -3.54 -10.39
C PHE B 330 26.99 -4.81 -9.56
N ASN B 331 28.13 -5.44 -9.79
CA ASN B 331 28.54 -6.66 -9.12
C ASN B 331 29.33 -6.35 -7.84
N LEU B 332 28.72 -6.61 -6.68
CA LEU B 332 29.37 -6.36 -5.38
C LEU B 332 30.52 -7.33 -5.13
N PHE B 333 30.58 -8.43 -5.89
CA PHE B 333 31.66 -9.38 -5.79
C PHE B 333 32.58 -9.29 -7.02
N SER B 334 32.65 -8.13 -7.68
CA SER B 334 33.59 -7.97 -8.78
C SER B 334 35.01 -8.17 -8.26
N GLN B 335 35.92 -8.52 -9.17
CA GLN B 335 37.33 -8.65 -8.83
C GLN B 335 37.89 -7.33 -8.31
N GLU B 336 37.35 -6.21 -8.81
CA GLU B 336 37.80 -4.87 -8.48
C GLU B 336 37.50 -4.50 -7.02
N LEU B 337 36.49 -5.13 -6.41
CA LEU B 337 36.08 -4.77 -5.06
C LEU B 337 36.56 -5.77 -4.01
N ILE B 338 36.63 -7.06 -4.40
CA ILE B 338 37.03 -8.11 -3.47
C ILE B 338 37.94 -9.09 -4.19
N ASP B 339 39.15 -9.30 -3.67
CA ASP B 339 40.09 -10.19 -4.33
C ASP B 339 39.52 -11.61 -4.33
N ARG B 340 39.82 -12.38 -5.39
CA ARG B 340 39.48 -13.79 -5.49
C ARG B 340 39.83 -14.53 -4.20
N LYS B 341 41.04 -14.24 -3.70
CA LYS B 341 41.63 -14.89 -2.54
C LYS B 341 40.68 -14.75 -1.36
N SER B 342 40.18 -13.54 -1.13
CA SER B 342 39.20 -13.28 -0.07
C SER B 342 37.95 -14.14 -0.22
N LYS B 343 37.46 -14.31 -1.45
CA LYS B 343 36.22 -15.02 -1.71
C LYS B 343 36.43 -16.52 -1.51
N GLU B 344 37.57 -17.02 -1.95
CA GLU B 344 37.93 -18.42 -1.71
C GLU B 344 38.13 -18.66 -0.22
N PHE B 345 38.74 -17.71 0.48
CA PHE B 345 38.93 -17.87 1.90
C PHE B 345 37.58 -17.98 2.59
N LEU B 346 36.62 -17.15 2.21
CA LEU B 346 35.33 -17.16 2.87
C LEU B 346 34.53 -18.44 2.55
N SER B 347 34.76 -19.03 1.37
CA SER B 347 34.09 -20.27 1.00
C SER B 347 34.57 -21.44 1.86
N LYS B 348 35.90 -21.56 1.99
CA LYS B 348 36.53 -22.48 2.92
C LYS B 348 35.84 -22.45 4.28
N LYS B 349 35.70 -21.23 4.82
CA LYS B 349 35.29 -21.06 6.20
C LYS B 349 33.80 -21.33 6.36
N ILE B 350 32.99 -20.98 5.36
CA ILE B 350 31.56 -21.26 5.38
C ILE B 350 31.35 -22.76 5.20
N GLU B 351 31.99 -23.37 4.19
CA GLU B 351 31.91 -24.81 3.98
C GLU B 351 32.21 -25.55 5.29
N TYR B 352 33.23 -25.09 6.01
CA TYR B 352 33.69 -25.76 7.23
C TYR B 352 32.61 -25.70 8.33
N GLU B 353 32.13 -24.49 8.63
CA GLU B 353 31.11 -24.35 9.67
C GLU B 353 29.89 -25.22 9.32
N ARG B 354 29.58 -25.32 8.01
CA ARG B 354 28.38 -25.97 7.52
C ARG B 354 28.45 -27.47 7.74
N ASN B 355 29.67 -28.04 7.67
CA ASN B 355 29.84 -29.49 7.66
C ASN B 355 30.28 -29.98 9.04
N ASN B 356 30.22 -29.11 10.05
CA ASN B 356 30.67 -29.49 11.38
C ASN B 356 29.72 -28.97 12.46
N GLY B 357 28.47 -28.63 12.07
CA GLY B 357 27.44 -28.20 12.99
C GLY B 357 27.64 -26.79 13.54
N PHE B 358 28.27 -25.93 12.74
CA PHE B 358 28.39 -24.52 13.08
C PHE B 358 28.97 -24.36 14.49
N PRO B 359 30.20 -24.86 14.75
CA PRO B 359 30.89 -24.63 16.01
C PRO B 359 30.95 -23.16 16.43
N ILE B 360 31.05 -22.26 15.46
CA ILE B 360 31.29 -20.86 15.73
C ILE B 360 30.06 -20.21 16.37
N PHE B 361 28.88 -20.85 16.25
CA PHE B 361 27.68 -20.34 16.89
C PHE B 361 27.72 -20.55 18.41
N ASP B 362 28.66 -21.38 18.90
CA ASP B 362 28.72 -21.71 20.31
C ASP B 362 29.62 -20.75 21.07
N LYS B 363 30.53 -20.06 20.36
CA LYS B 363 31.50 -19.22 21.04
C LYS B 363 30.90 -17.83 21.31
N LEU B 364 31.73 -16.96 21.92
CA LEU B 364 31.38 -15.59 22.31
C LEU B 364 32.15 -14.58 21.44
#